data_4N8I
#
_entry.id   4N8I
#
_cell.length_a   117.411
_cell.length_b   107.171
_cell.length_c   87.800
_cell.angle_alpha   90.00
_cell.angle_beta   120.36
_cell.angle_gamma   90.00
#
_symmetry.space_group_name_H-M   'C 1 2 1'
#
loop_
_entity.id
_entity.type
_entity.pdbx_description
1 polymer '4-hydroxybutyrate coenzyme A transferase'
2 non-polymer 'COENZYME A'
3 non-polymer 'ACETATE ION'
4 water water
#
_entity_poly.entity_id   1
_entity_poly.type   'polypeptide(L)'
_entity_poly.pdbx_seq_one_letter_code
;MGSSHHHHHHSSGLVPRGSHMASMTGGQQMGRGSEFMDIRALYDEKLTTPEEAVSSIASGSHLSMGGFAAEPPALLKALA
DRATRGDIGDLRVYYFETAKIAGDTILRYELNNRIKPYSMFVTAVERALIRRGIEDGGRKVVNYVPSNFHQAPRLLAEEI
GIDTFMHTVSPMDCHGYFSLGVGNDYSSRIARSARRFIVEVNRYMPRVQGEAAAIHISEVDAIVENHVPLIEMPVRSAIP
EYTSISHIIADLVPDGACLQMGVGALPNLVCGVLKDRNDLGIHTEVLNPGLVDLIRRGVVTNQRKTLDRGRSVFTFAMGQ
QEMYEYLNDHPAIFSRPVDYVNDPHIIAQNDNVVSINATLQIDLTGACNSEHMLGHQYSASGGQLDFVRGAYASKGGRSI
IATPSTAAKGTVSRIIPRIDGPVTTPRIDTHYIVTEFGAVNLKGLSSTERALRIIELAHPDFRDELTQAAKKMHLI
;
_entity_poly.pdbx_strand_id   A,B
#
loop_
_chem_comp.id
_chem_comp.type
_chem_comp.name
_chem_comp.formula
ACT non-polymer 'ACETATE ION' 'C2 H3 O2 -1'
COA non-polymer 'COENZYME A' 'C21 H36 N7 O16 P3 S'
#
# COMPACT_ATOMS: atom_id res chain seq x y z
N MET A 37 19.27 -37.13 20.90
CA MET A 37 19.80 -37.35 22.28
C MET A 37 21.26 -36.88 22.37
N ASP A 38 22.17 -37.44 21.56
CA ASP A 38 23.60 -37.13 21.69
C ASP A 38 23.93 -35.93 20.79
N ILE A 39 23.67 -34.73 21.32
CA ILE A 39 23.83 -33.52 20.49
C ILE A 39 25.30 -33.24 20.23
N ARG A 40 26.18 -33.68 21.11
CA ARG A 40 27.61 -33.42 20.90
C ARG A 40 28.14 -34.29 19.78
N ALA A 41 27.61 -35.50 19.63
CA ALA A 41 27.92 -36.33 18.48
C ALA A 41 27.36 -35.72 17.20
N LEU A 42 26.10 -35.27 17.23
CA LEU A 42 25.53 -34.65 16.03
C LEU A 42 26.33 -33.44 15.61
N TYR A 43 26.74 -32.64 16.58
CA TYR A 43 27.56 -31.47 16.30
C TYR A 43 28.81 -31.88 15.56
N ASP A 44 29.53 -32.86 16.10
CA ASP A 44 30.78 -33.26 15.48
C ASP A 44 30.57 -33.88 14.10
N GLU A 45 29.49 -34.63 13.89
CA GLU A 45 29.19 -35.13 12.54
C GLU A 45 29.06 -33.99 11.53
N LYS A 46 28.45 -32.87 11.92
CA LYS A 46 28.15 -31.80 10.99
C LYS A 46 29.22 -30.72 10.93
N LEU A 47 30.12 -30.68 11.93
CA LEU A 47 31.22 -29.72 11.93
C LEU A 47 32.20 -30.04 10.80
N THR A 48 32.64 -29.03 10.06
CA THR A 48 33.54 -29.23 8.92
C THR A 48 34.27 -27.92 8.70
N THR A 49 35.06 -27.86 7.62
CA THR A 49 35.77 -26.66 7.22
C THR A 49 34.89 -25.81 6.30
N PRO A 50 35.14 -24.53 6.21
CA PRO A 50 34.36 -23.71 5.25
C PRO A 50 34.46 -24.22 3.84
N GLU A 51 35.67 -24.62 3.43
CA GLU A 51 35.85 -25.12 2.07
C GLU A 51 34.95 -26.30 1.82
N GLU A 52 34.93 -27.26 2.74
CA GLU A 52 34.09 -28.43 2.52
C GLU A 52 32.62 -28.04 2.57
N ALA A 53 32.25 -27.13 3.48
CA ALA A 53 30.84 -26.79 3.68
C ALA A 53 30.19 -26.24 2.40
N VAL A 54 30.93 -25.45 1.62
CA VAL A 54 30.35 -24.81 0.45
C VAL A 54 30.60 -25.61 -0.83
N SER A 55 31.26 -26.77 -0.75
CA SER A 55 31.79 -27.42 -1.95
C SER A 55 30.72 -28.10 -2.80
N SER A 56 29.52 -28.34 -2.29
CA SER A 56 28.52 -29.05 -3.07
C SER A 56 27.35 -28.16 -3.48
N ILE A 57 27.39 -26.88 -3.14
CA ILE A 57 26.39 -25.95 -3.64
C ILE A 57 26.38 -26.01 -5.17
N ALA A 58 25.20 -26.14 -5.75
CA ALA A 58 25.11 -26.36 -7.17
C ALA A 58 25.26 -25.07 -7.97
N SER A 59 25.83 -25.22 -9.16
CA SER A 59 25.73 -24.15 -10.15
C SER A 59 24.27 -24.00 -10.54
N GLY A 60 23.92 -22.80 -10.97
CA GLY A 60 22.56 -22.57 -11.45
C GLY A 60 21.51 -22.62 -10.37
N SER A 61 21.90 -22.37 -9.13
CA SER A 61 21.00 -22.48 -7.99
C SER A 61 20.83 -21.11 -7.34
N HIS A 62 20.00 -21.08 -6.31
CA HIS A 62 19.69 -19.86 -5.58
C HIS A 62 20.16 -20.00 -4.13
N LEU A 63 20.90 -19.00 -3.68
CA LEU A 63 21.42 -18.95 -2.34
C LEU A 63 20.93 -17.66 -1.68
N SER A 64 20.70 -17.72 -0.36
CA SER A 64 20.39 -16.52 0.42
C SER A 64 21.19 -16.59 1.72
N MET A 65 21.20 -15.48 2.45
CA MET A 65 21.97 -15.39 3.69
C MET A 65 21.39 -14.30 4.57
N GLY A 66 21.88 -14.22 5.80
CA GLY A 66 21.38 -13.21 6.73
C GLY A 66 21.82 -11.83 6.32
N GLY A 67 21.21 -10.84 6.99
CA GLY A 67 21.53 -9.45 6.74
C GLY A 67 22.71 -8.98 7.56
N PHE A 68 23.40 -7.96 7.02
CA PHE A 68 24.48 -7.21 7.67
C PHE A 68 25.38 -8.12 8.53
N ALA A 69 25.32 -7.97 9.86
CA ALA A 69 26.28 -8.65 10.73
C ALA A 69 26.06 -10.15 10.81
N ALA A 70 24.98 -10.67 10.20
CA ALA A 70 24.74 -12.12 10.13
C ALA A 70 25.33 -12.77 8.88
N GLU A 71 25.89 -12.00 7.95
CA GLU A 71 26.62 -12.54 6.80
C GLU A 71 27.82 -13.36 7.27
N PRO A 72 27.94 -14.63 6.90
CA PRO A 72 28.98 -15.48 7.53
C PRO A 72 30.30 -15.37 6.81
N PRO A 73 31.31 -14.72 7.42
CA PRO A 73 32.52 -14.39 6.64
C PRO A 73 33.35 -15.60 6.22
N ALA A 74 33.48 -16.63 7.05
CA ALA A 74 34.30 -17.75 6.60
C ALA A 74 33.61 -18.47 5.45
N LEU A 75 32.31 -18.70 5.59
CA LEU A 75 31.58 -19.38 4.53
C LEU A 75 31.62 -18.56 3.26
N LEU A 76 31.45 -17.24 3.36
CA LEU A 76 31.44 -16.46 2.14
C LEU A 76 32.82 -16.38 1.49
N LYS A 77 33.88 -16.40 2.29
CA LYS A 77 35.22 -16.42 1.68
C LYS A 77 35.43 -17.69 0.88
N ALA A 78 35.04 -18.83 1.47
CA ALA A 78 35.17 -20.11 0.80
C ALA A 78 34.28 -20.17 -0.44
N LEU A 79 33.10 -19.54 -0.39
CA LEU A 79 32.26 -19.53 -1.60
C LEU A 79 32.91 -18.67 -2.70
N ALA A 80 33.42 -17.49 -2.32
CA ALA A 80 34.12 -16.65 -3.29
C ALA A 80 35.30 -17.39 -3.90
N ASP A 81 36.02 -18.20 -3.09
CA ASP A 81 37.16 -18.96 -3.60
C ASP A 81 36.71 -19.95 -4.67
N ARG A 82 35.56 -20.59 -4.49
CA ARG A 82 35.05 -21.47 -5.53
C ARG A 82 34.86 -20.71 -6.84
N ALA A 83 34.31 -19.51 -6.74
CA ALA A 83 34.11 -18.70 -7.94
C ALA A 83 35.45 -18.29 -8.56
N THR A 84 36.42 -17.92 -7.71
CA THR A 84 37.73 -17.53 -8.22
C THR A 84 38.38 -18.65 -9.02
N ARG A 85 38.26 -19.89 -8.53
CA ARG A 85 38.78 -21.06 -9.21
C ARG A 85 37.92 -21.50 -10.38
N GLY A 86 36.89 -20.75 -10.74
CA GLY A 86 35.99 -21.18 -11.81
C GLY A 86 35.22 -22.47 -11.53
N ASP A 87 34.97 -22.79 -10.26
CA ASP A 87 34.36 -24.05 -9.85
C ASP A 87 32.85 -23.93 -9.59
N ILE A 88 32.26 -22.75 -9.75
CA ILE A 88 30.82 -22.56 -9.62
C ILE A 88 30.38 -21.47 -10.57
N GLY A 89 29.13 -21.54 -11.04
CA GLY A 89 28.59 -20.52 -11.93
C GLY A 89 27.09 -20.37 -11.80
N ASP A 90 26.58 -19.28 -12.36
CA ASP A 90 25.14 -19.01 -12.36
C ASP A 90 24.54 -19.18 -10.96
N LEU A 91 25.23 -18.65 -9.96
CA LEU A 91 24.74 -18.69 -8.59
C LEU A 91 24.10 -17.33 -8.26
N ARG A 92 22.78 -17.31 -8.15
CA ARG A 92 22.11 -16.10 -7.68
C ARG A 92 22.17 -16.05 -6.16
N VAL A 93 22.56 -14.89 -5.62
CA VAL A 93 22.56 -14.64 -4.18
C VAL A 93 21.56 -13.56 -3.88
N TYR A 94 20.52 -13.92 -3.11
CA TYR A 94 19.46 -13.00 -2.72
C TYR A 94 19.71 -12.61 -1.27
N TYR A 95 19.77 -11.30 -1.01
CA TYR A 95 20.26 -10.83 0.27
C TYR A 95 19.84 -9.38 0.50
N PHE A 96 20.06 -8.90 1.72
CA PHE A 96 19.74 -7.53 2.08
C PHE A 96 20.75 -6.96 3.06
N GLU A 97 20.81 -5.62 3.08
CA GLU A 97 21.65 -4.81 3.94
C GLU A 97 23.08 -5.32 4.03
N THR A 98 23.82 -5.05 2.97
CA THR A 98 25.15 -5.58 2.74
C THR A 98 26.18 -5.06 3.74
N ALA A 99 27.09 -5.93 4.14
CA ALA A 99 28.27 -5.54 4.88
C ALA A 99 29.53 -5.72 4.05
N LYS A 100 30.62 -5.15 4.56
CA LYS A 100 31.96 -5.37 4.03
C LYS A 100 32.29 -6.86 3.88
N ILE A 101 31.68 -7.69 4.73
CA ILE A 101 31.93 -9.12 4.70
C ILE A 101 31.65 -9.67 3.30
N ALA A 102 30.44 -9.40 2.79
CA ALA A 102 30.10 -9.83 1.44
C ALA A 102 30.76 -8.93 0.38
N GLY A 103 30.92 -7.65 0.65
CA GLY A 103 31.56 -6.78 -0.32
C GLY A 103 32.97 -7.20 -0.65
N ASP A 104 33.69 -7.75 0.33
CA ASP A 104 35.05 -8.20 0.13
C ASP A 104 35.17 -9.63 -0.38
N THR A 105 34.09 -10.41 -0.38
CA THR A 105 34.17 -11.82 -0.74
C THR A 105 33.32 -12.06 -1.97
N ILE A 106 32.09 -12.58 -1.83
CA ILE A 106 31.33 -13.06 -2.98
C ILE A 106 30.86 -11.94 -3.90
N LEU A 107 30.78 -10.69 -3.42
CA LEU A 107 30.33 -9.58 -4.24
C LEU A 107 31.48 -8.84 -4.92
N ARG A 108 32.70 -9.36 -4.85
CA ARG A 108 33.81 -8.73 -5.55
C ARG A 108 33.49 -8.63 -7.05
N TYR A 109 33.81 -7.48 -7.64
CA TYR A 109 33.44 -7.21 -9.03
C TYR A 109 33.89 -8.32 -9.98
N GLU A 110 35.03 -8.88 -9.73
CA GLU A 110 35.62 -9.85 -10.62
C GLU A 110 34.82 -11.16 -10.67
N LEU A 111 34.01 -11.41 -9.65
CA LEU A 111 33.24 -12.65 -9.56
C LEU A 111 31.82 -12.51 -10.09
N ASN A 112 31.42 -11.30 -10.53
CA ASN A 112 30.01 -11.07 -10.83
C ASN A 112 29.54 -11.79 -12.09
N ASN A 113 30.42 -12.40 -12.86
CA ASN A 113 29.99 -13.27 -13.96
C ASN A 113 29.53 -14.64 -13.48
N ARG A 114 29.88 -15.01 -12.25
CA ARG A 114 29.60 -16.31 -11.66
C ARG A 114 28.70 -16.24 -10.44
N ILE A 115 28.86 -15.23 -9.59
CA ILE A 115 27.97 -15.01 -8.46
C ILE A 115 27.18 -13.76 -8.76
N LYS A 116 25.85 -13.91 -8.96
CA LYS A 116 25.00 -12.82 -9.41
C LYS A 116 24.29 -12.16 -8.23
N PRO A 117 24.62 -10.92 -7.86
CA PRO A 117 23.92 -10.30 -6.72
C PRO A 117 22.50 -9.92 -7.09
N TYR A 118 21.56 -10.38 -6.27
CA TYR A 118 20.15 -10.00 -6.33
C TYR A 118 19.83 -9.33 -5.00
N SER A 119 20.09 -8.04 -4.94
CA SER A 119 19.97 -7.28 -3.71
C SER A 119 18.53 -6.88 -3.48
N MET A 120 18.08 -7.00 -2.25
CA MET A 120 16.77 -6.51 -1.88
C MET A 120 16.88 -5.21 -1.12
N PHE A 121 18.10 -4.68 -0.93
CA PHE A 121 18.30 -3.40 -0.27
C PHE A 121 19.67 -2.86 -0.68
N VAL A 122 19.68 -1.91 -1.61
CA VAL A 122 20.93 -1.36 -2.12
C VAL A 122 21.64 -0.56 -1.05
N THR A 123 22.95 -0.76 -0.96
CA THR A 123 23.83 -0.05 -0.06
C THR A 123 25.00 0.52 -0.86
N ALA A 124 25.94 1.12 -0.12
CA ALA A 124 27.16 1.63 -0.74
C ALA A 124 27.92 0.55 -1.52
N VAL A 125 27.88 -0.70 -1.06
CA VAL A 125 28.58 -1.77 -1.75
C VAL A 125 28.06 -1.91 -3.16
N GLU A 126 26.74 -2.01 -3.29
CA GLU A 126 26.15 -2.16 -4.61
C GLU A 126 26.32 -0.89 -5.44
N ARG A 127 26.21 0.29 -4.81
CA ARG A 127 26.35 1.51 -5.58
C ARG A 127 27.75 1.61 -6.17
N ALA A 128 28.75 1.15 -5.42
CA ALA A 128 30.10 1.06 -5.96
C ALA A 128 30.16 0.11 -7.16
N LEU A 129 29.58 -1.10 -7.03
CA LEU A 129 29.63 -2.05 -8.13
C LEU A 129 28.97 -1.49 -9.39
N ILE A 130 27.86 -0.79 -9.20
CA ILE A 130 27.13 -0.17 -10.30
C ILE A 130 28.01 0.84 -11.04
N ARG A 131 28.64 1.74 -10.28
CA ARG A 131 29.52 2.72 -10.90
C ARG A 131 30.62 2.00 -11.67
N ARG A 132 31.27 1.05 -11.02
CA ARG A 132 32.32 0.30 -11.69
C ARG A 132 31.80 -0.34 -12.96
N GLY A 133 30.60 -0.92 -12.91
CA GLY A 133 30.01 -1.47 -14.10
C GLY A 133 29.90 -0.46 -15.24
N ILE A 134 29.41 0.74 -14.95
CA ILE A 134 29.22 1.72 -16.02
C ILE A 134 30.57 2.16 -16.56
N GLU A 135 31.55 2.36 -15.68
CA GLU A 135 32.90 2.65 -16.13
C GLU A 135 33.44 1.53 -17.04
N ASP A 136 33.14 0.28 -16.69
CA ASP A 136 33.60 -0.88 -17.43
C ASP A 136 32.77 -1.13 -18.69
N GLY A 137 32.46 -0.08 -19.45
CA GLY A 137 31.79 -0.27 -20.72
C GLY A 137 30.30 -0.35 -20.59
N GLY A 138 29.71 0.43 -19.68
CA GLY A 138 28.26 0.42 -19.50
C GLY A 138 27.66 -0.91 -19.07
N ARG A 139 28.40 -1.72 -18.32
CA ARG A 139 27.89 -3.02 -17.91
C ARG A 139 26.92 -2.87 -16.75
N LYS A 140 25.91 -3.73 -16.73
CA LYS A 140 24.99 -3.85 -15.61
C LYS A 140 25.36 -5.06 -14.79
N VAL A 141 25.63 -4.87 -13.50
CA VAL A 141 26.31 -5.89 -12.72
C VAL A 141 25.62 -6.22 -11.40
N VAL A 142 24.58 -5.47 -11.04
CA VAL A 142 23.80 -5.72 -9.83
C VAL A 142 22.34 -5.81 -10.22
N ASN A 143 21.64 -6.80 -9.70
CA ASN A 143 20.22 -6.89 -9.80
C ASN A 143 19.53 -6.40 -8.50
N TYR A 144 18.38 -5.78 -8.63
CA TYR A 144 17.61 -5.27 -7.50
C TYR A 144 16.25 -5.91 -7.52
N VAL A 145 15.77 -6.38 -6.38
CA VAL A 145 14.47 -7.05 -6.27
C VAL A 145 13.52 -6.17 -5.46
N PRO A 146 12.58 -5.46 -6.08
CA PRO A 146 11.60 -4.67 -5.32
C PRO A 146 10.73 -5.56 -4.45
N SER A 147 10.39 -5.07 -3.25
CA SER A 147 9.57 -5.85 -2.34
C SER A 147 9.01 -4.96 -1.22
N ASN A 148 7.88 -5.40 -0.66
CA ASN A 148 7.56 -5.07 0.73
C ASN A 148 8.26 -6.08 1.61
N PHE A 149 8.98 -5.60 2.63
CA PHE A 149 9.77 -6.54 3.43
C PHE A 149 8.88 -7.55 4.16
N HIS A 150 7.64 -7.20 4.54
CA HIS A 150 6.84 -8.21 5.22
C HIS A 150 6.56 -9.41 4.32
N GLN A 151 6.66 -9.25 3.00
CA GLN A 151 6.46 -10.31 2.01
C GLN A 151 7.75 -11.04 1.64
N ALA A 152 8.89 -10.61 2.16
CA ALA A 152 10.14 -11.21 1.75
C ALA A 152 10.20 -12.72 1.97
N PRO A 153 9.70 -13.28 3.10
CA PRO A 153 9.75 -14.74 3.25
C PRO A 153 8.99 -15.46 2.17
N ARG A 154 7.82 -14.96 1.82
CA ARG A 154 7.05 -15.59 0.77
C ARG A 154 7.73 -15.43 -0.60
N LEU A 155 8.27 -14.25 -0.88
CA LEU A 155 8.98 -14.06 -2.13
C LEU A 155 10.14 -15.00 -2.25
N LEU A 156 10.97 -15.08 -1.21
CA LEU A 156 12.15 -15.94 -1.28
C LEU A 156 11.78 -17.42 -1.36
N ALA A 157 10.82 -17.87 -0.55
CA ALA A 157 10.54 -19.30 -0.47
C ALA A 157 9.67 -19.78 -1.62
N GLU A 158 8.72 -18.98 -2.07
CA GLU A 158 7.68 -19.43 -2.98
C GLU A 158 7.79 -18.82 -4.36
N GLU A 159 8.06 -17.53 -4.48
CA GLU A 159 8.13 -16.93 -5.80
C GLU A 159 9.49 -17.20 -6.41
N ILE A 160 10.55 -17.04 -5.62
CA ILE A 160 11.92 -17.18 -6.10
C ILE A 160 12.46 -18.60 -5.91
N GLY A 161 12.38 -19.15 -4.69
CA GLY A 161 12.94 -20.44 -4.36
C GLY A 161 14.38 -20.33 -3.93
N ILE A 162 14.69 -20.76 -2.72
CA ILE A 162 16.06 -20.70 -2.20
C ILE A 162 16.50 -22.13 -1.91
N ASP A 163 17.62 -22.53 -2.53
CA ASP A 163 18.19 -23.89 -2.38
C ASP A 163 19.10 -24.02 -1.16
N THR A 164 19.92 -23.00 -0.89
CA THR A 164 20.87 -23.02 0.20
C THR A 164 20.75 -21.71 1.00
N PHE A 165 20.78 -21.82 2.31
CA PHE A 165 20.77 -20.67 3.21
C PHE A 165 21.97 -20.73 4.15
N MET A 166 22.65 -19.58 4.35
CA MET A 166 23.82 -19.49 5.21
C MET A 166 23.71 -18.31 6.18
N HIS A 167 24.11 -18.51 7.42
CA HIS A 167 23.83 -17.50 8.44
C HIS A 167 24.78 -17.72 9.61
N THR A 168 25.27 -16.63 10.19
CA THR A 168 26.08 -16.71 11.41
C THR A 168 25.15 -16.91 12.59
N VAL A 169 25.59 -17.74 13.54
CA VAL A 169 24.76 -18.10 14.68
C VAL A 169 25.59 -18.07 15.96
N SER A 170 24.89 -17.91 17.09
CA SER A 170 25.56 -18.05 18.38
C SER A 170 25.80 -19.53 18.68
N PRO A 171 26.70 -19.83 19.62
CA PRO A 171 27.10 -21.22 19.85
C PRO A 171 25.95 -22.11 20.31
N MET A 172 26.06 -23.40 20.00
CA MET A 172 25.05 -24.36 20.44
C MET A 172 25.07 -24.49 21.96
N ASP A 173 23.88 -24.45 22.55
CA ASP A 173 23.73 -24.63 23.99
C ASP A 173 23.54 -26.11 24.34
N CYS A 174 23.38 -26.38 25.64
CA CYS A 174 23.33 -27.75 26.13
C CYS A 174 22.03 -28.46 25.81
N HIS A 175 21.03 -27.75 25.26
CA HIS A 175 19.83 -28.37 24.72
C HIS A 175 19.85 -28.57 23.21
N GLY A 176 20.94 -28.23 22.53
CA GLY A 176 21.07 -28.45 21.10
C GLY A 176 20.61 -27.32 20.20
N TYR A 177 20.47 -26.10 20.73
CA TYR A 177 19.97 -24.96 19.99
C TYR A 177 21.06 -23.92 19.76
N PHE A 178 21.15 -23.41 18.53
CA PHE A 178 21.84 -22.17 18.23
C PHE A 178 20.82 -21.04 18.27
N SER A 179 21.30 -19.80 18.07
CA SER A 179 20.40 -18.67 17.87
C SER A 179 20.83 -17.85 16.65
N LEU A 180 19.84 -17.30 15.93
CA LEU A 180 20.15 -16.41 14.82
C LEU A 180 20.62 -15.03 15.27
N GLY A 181 20.58 -14.75 16.56
CA GLY A 181 21.23 -13.56 17.08
C GLY A 181 20.62 -12.26 16.59
N VAL A 182 21.41 -11.45 15.89
CA VAL A 182 20.91 -10.17 15.39
C VAL A 182 19.94 -10.32 14.23
N GLY A 183 19.81 -11.54 13.69
CA GLY A 183 18.95 -11.80 12.56
C GLY A 183 17.69 -12.53 12.99
N ASN A 184 16.60 -12.21 12.29
CA ASN A 184 15.39 -13.00 12.29
C ASN A 184 14.73 -12.80 10.93
N ASP A 185 14.26 -11.58 10.68
CA ASP A 185 13.85 -11.10 9.35
C ASP A 185 13.20 -12.18 8.50
N TYR A 186 13.74 -12.51 7.33
CA TYR A 186 13.28 -13.68 6.58
C TYR A 186 14.13 -14.92 6.88
N SER A 187 15.28 -14.72 7.54
CA SER A 187 16.21 -15.82 7.82
C SER A 187 15.55 -16.95 8.57
N SER A 188 14.74 -16.63 9.56
CA SER A 188 14.14 -17.68 10.37
C SER A 188 13.19 -18.53 9.56
N ARG A 189 12.66 -17.99 8.47
CA ARG A 189 11.82 -18.75 7.55
C ARG A 189 12.69 -19.51 6.54
N ILE A 190 13.63 -18.82 5.89
CA ILE A 190 14.35 -19.44 4.78
C ILE A 190 15.34 -20.48 5.27
N ALA A 191 15.84 -20.33 6.49
CA ALA A 191 16.64 -21.38 7.11
C ALA A 191 15.93 -22.73 7.11
N ARG A 192 14.59 -22.73 7.18
CA ARG A 192 13.76 -23.94 7.20
C ARG A 192 13.23 -24.32 5.84
N SER A 193 12.93 -23.35 5.00
CA SER A 193 12.41 -23.70 3.68
C SER A 193 13.53 -24.11 2.74
N ALA A 194 14.74 -23.59 2.95
CA ALA A 194 15.86 -23.95 2.11
C ALA A 194 16.15 -25.44 2.23
N ARG A 195 16.60 -26.04 1.13
CA ARG A 195 16.93 -27.46 1.09
C ARG A 195 18.16 -27.80 1.92
N ARG A 196 19.08 -26.85 2.06
CA ARG A 196 20.25 -26.99 2.92
C ARG A 196 20.46 -25.69 3.71
N PHE A 197 20.82 -25.83 4.99
CA PHE A 197 21.08 -24.72 5.90
C PHE A 197 22.47 -24.94 6.49
N ILE A 198 23.37 -24.00 6.24
CA ILE A 198 24.76 -24.04 6.69
C ILE A 198 24.97 -22.90 7.67
N VAL A 199 25.48 -23.21 8.86
CA VAL A 199 25.64 -22.18 9.90
C VAL A 199 27.11 -21.91 10.17
N GLU A 200 27.40 -20.68 10.57
CA GLU A 200 28.74 -20.30 10.99
C GLU A 200 28.64 -19.91 12.46
N VAL A 201 29.17 -20.76 13.34
CA VAL A 201 29.16 -20.48 14.79
C VAL A 201 30.17 -19.39 15.11
N ASN A 202 29.74 -18.41 15.89
CA ASN A 202 30.58 -17.28 16.32
C ASN A 202 30.16 -16.89 17.72
N ARG A 203 31.05 -17.10 18.71
CA ARG A 203 30.76 -16.74 20.10
C ARG A 203 30.53 -15.25 20.27
N TYR A 204 30.94 -14.43 19.33
CA TYR A 204 30.59 -13.01 19.39
C TYR A 204 29.15 -12.73 18.94
N MET A 205 28.45 -13.68 18.34
CA MET A 205 27.04 -13.45 18.00
C MET A 205 26.22 -13.56 19.26
N PRO A 206 25.47 -12.54 19.65
CA PRO A 206 24.67 -12.67 20.87
C PRO A 206 23.63 -13.77 20.73
N ARG A 207 23.30 -14.39 21.87
CA ARG A 207 22.21 -15.33 21.96
C ARG A 207 20.94 -14.53 22.22
N VAL A 208 20.04 -14.52 21.26
CA VAL A 208 18.87 -13.66 21.27
C VAL A 208 17.62 -14.54 21.29
N GLN A 209 16.67 -14.19 22.14
CA GLN A 209 15.39 -14.88 22.20
C GLN A 209 14.45 -14.28 21.16
N GLY A 210 13.57 -15.12 20.62
CA GLY A 210 12.61 -14.66 19.65
C GLY A 210 11.79 -15.79 19.07
N GLU A 211 10.79 -15.40 18.30
CA GLU A 211 9.99 -16.38 17.58
C GLU A 211 10.84 -16.97 16.46
N ALA A 212 11.04 -18.29 16.49
CA ALA A 212 11.82 -19.06 15.50
C ALA A 212 13.27 -18.62 15.43
N ALA A 213 13.73 -17.85 16.43
CA ALA A 213 15.12 -17.41 16.49
C ALA A 213 16.05 -18.53 16.93
N ALA A 214 15.53 -19.50 17.65
CA ALA A 214 16.31 -20.65 18.06
C ALA A 214 16.31 -21.71 16.96
N ILE A 215 17.49 -22.26 16.67
CA ILE A 215 17.71 -23.27 15.64
C ILE A 215 18.20 -24.55 16.29
N HIS A 216 17.45 -25.63 16.12
CA HIS A 216 17.89 -26.90 16.67
C HIS A 216 18.93 -27.56 15.75
N ILE A 217 19.87 -28.28 16.38
CA ILE A 217 20.97 -28.94 15.67
C ILE A 217 20.43 -29.81 14.52
N SER A 218 19.28 -30.46 14.73
CA SER A 218 18.69 -31.33 13.72
C SER A 218 18.22 -30.56 12.50
N GLU A 219 18.13 -29.24 12.59
CA GLU A 219 17.67 -28.42 11.47
C GLU A 219 18.82 -27.92 10.61
N VAL A 220 20.05 -28.16 11.04
CA VAL A 220 21.25 -27.64 10.39
C VAL A 220 21.86 -28.77 9.57
N ASP A 221 22.42 -28.43 8.40
CA ASP A 221 23.05 -29.46 7.56
C ASP A 221 24.55 -29.51 7.70
N ALA A 222 25.19 -28.39 8.04
CA ALA A 222 26.63 -28.35 8.20
C ALA A 222 26.97 -27.17 9.11
N ILE A 223 28.06 -27.31 9.87
CA ILE A 223 28.52 -26.30 10.83
C ILE A 223 29.99 -25.98 10.56
N VAL A 224 30.32 -24.69 10.59
CA VAL A 224 31.71 -24.23 10.69
C VAL A 224 31.77 -23.28 11.87
N GLU A 225 32.98 -23.07 12.39
CA GLU A 225 33.19 -22.18 13.53
C GLU A 225 34.16 -21.08 13.14
N ASN A 226 33.85 -19.84 13.50
CA ASN A 226 34.73 -18.73 13.17
C ASN A 226 34.39 -17.59 14.14
N HIS A 227 35.23 -17.41 15.14
CA HIS A 227 34.99 -16.50 16.24
C HIS A 227 35.69 -15.19 15.91
N VAL A 228 34.91 -14.18 15.51
CA VAL A 228 35.45 -12.87 15.17
C VAL A 228 34.42 -11.82 15.57
N PRO A 229 34.83 -10.59 15.90
CA PRO A 229 33.85 -9.56 16.28
C PRO A 229 32.88 -9.28 15.15
N LEU A 230 31.66 -8.90 15.53
CA LEU A 230 30.65 -8.54 14.55
C LEU A 230 30.98 -7.21 13.92
N ILE A 231 30.49 -7.02 12.70
CA ILE A 231 30.69 -5.76 12.01
C ILE A 231 29.75 -4.70 12.61
N GLU A 232 30.26 -3.48 12.70
CA GLU A 232 29.56 -2.38 13.33
C GLU A 232 28.97 -1.44 12.29
N MET A 233 27.78 -0.94 12.57
CA MET A 233 27.21 0.12 11.76
C MET A 233 27.92 1.43 12.08
N PRO A 234 28.32 2.22 11.08
CA PRO A 234 28.94 3.52 11.38
C PRO A 234 27.96 4.48 12.05
N VAL A 235 28.49 5.27 12.97
CA VAL A 235 27.73 6.33 13.64
C VAL A 235 27.63 7.53 12.73
N ARG A 236 26.42 7.99 12.48
CA ARG A 236 26.21 9.16 11.64
C ARG A 236 26.16 10.41 12.52
N SER A 237 26.65 11.51 11.98
CA SER A 237 26.61 12.77 12.71
C SER A 237 25.29 13.49 12.46
N ALA A 238 24.82 14.24 13.46
CA ALA A 238 23.63 15.04 13.30
C ALA A 238 23.89 16.27 12.45
N ILE A 239 22.81 16.81 11.90
CA ILE A 239 22.82 18.08 11.19
C ILE A 239 21.84 19.02 11.90
N PRO A 240 21.99 20.33 11.70
CA PRO A 240 21.19 21.28 12.49
C PRO A 240 19.69 21.11 12.34
N GLU A 241 19.24 20.69 11.15
CA GLU A 241 17.81 20.49 10.92
C GLU A 241 17.20 19.50 11.89
N TYR A 242 18.00 18.64 12.50
CA TYR A 242 17.46 17.62 13.41
C TYR A 242 16.96 18.23 14.70
N THR A 243 17.47 19.39 15.09
CA THR A 243 16.95 19.99 16.31
C THR A 243 15.47 20.33 16.14
N SER A 244 15.14 21.07 15.08
CA SER A 244 13.73 21.40 14.86
C SER A 244 12.92 20.16 14.55
N ILE A 245 13.43 19.30 13.68
CA ILE A 245 12.68 18.10 13.33
C ILE A 245 12.38 17.29 14.58
N SER A 246 13.39 17.07 15.41
CA SER A 246 13.18 16.27 16.61
C SER A 246 12.14 16.89 17.53
N HIS A 247 12.09 18.22 17.59
CA HIS A 247 11.10 18.86 18.47
C HIS A 247 9.70 18.72 17.91
N ILE A 248 9.55 18.76 16.60
CA ILE A 248 8.23 18.57 15.99
C ILE A 248 7.73 17.14 16.20
N ILE A 249 8.62 16.18 16.01
CA ILE A 249 8.28 14.79 16.24
C ILE A 249 7.93 14.54 17.71
N ALA A 250 8.73 15.07 18.63
CA ALA A 250 8.45 14.87 20.05
C ALA A 250 7.02 15.25 20.41
N ASP A 251 6.54 16.38 19.86
CA ASP A 251 5.16 16.82 20.12
C ASP A 251 4.12 15.88 19.52
N LEU A 252 4.49 15.11 18.51
CA LEU A 252 3.58 14.16 17.90
C LEU A 252 3.60 12.78 18.56
N VAL A 253 4.51 12.51 19.48
CA VAL A 253 4.63 11.20 20.10
C VAL A 253 3.71 11.19 21.32
N PRO A 254 2.63 10.43 21.30
CA PRO A 254 1.72 10.41 22.45
C PRO A 254 2.28 9.62 23.62
N ASP A 255 1.55 9.71 24.73
CA ASP A 255 1.85 8.88 25.88
C ASP A 255 1.63 7.42 25.52
N GLY A 256 2.56 6.57 25.97
CA GLY A 256 2.43 5.16 25.70
C GLY A 256 2.70 4.77 24.27
N ALA A 257 3.32 5.66 23.47
CA ALA A 257 3.59 5.40 22.07
C ALA A 257 4.39 4.12 21.89
N CYS A 258 4.10 3.43 20.79
CA CYS A 258 4.79 2.20 20.41
C CYS A 258 5.66 2.46 19.18
N LEU A 259 6.98 2.49 19.38
CA LEU A 259 7.92 3.08 18.43
C LEU A 259 8.43 2.10 17.38
N GLN A 260 8.54 2.61 16.15
CA GLN A 260 9.35 2.04 15.07
C GLN A 260 10.18 3.17 14.48
N MET A 261 11.48 2.89 14.27
CA MET A 261 12.46 3.84 13.72
C MET A 261 13.11 3.23 12.49
N GLY A 262 12.98 3.90 11.33
CA GLY A 262 13.45 3.36 10.07
C GLY A 262 14.93 3.52 9.93
N VAL A 263 15.50 2.84 8.93
CA VAL A 263 16.92 3.02 8.65
C VAL A 263 17.18 4.43 8.14
N GLY A 264 18.41 4.89 8.34
CA GLY A 264 18.85 6.22 7.96
C GLY A 264 19.45 6.94 9.16
N ALA A 265 20.10 8.07 8.86
CA ALA A 265 20.71 8.87 9.90
C ALA A 265 19.66 9.44 10.86
N LEU A 266 18.51 9.88 10.32
CA LEU A 266 17.60 10.73 11.10
C LEU A 266 16.86 9.95 12.18
N PRO A 267 16.16 8.85 11.87
CA PRO A 267 15.32 8.23 12.91
C PRO A 267 16.09 7.79 14.15
N ASN A 268 17.19 7.07 13.93
CA ASN A 268 18.04 6.64 15.03
C ASN A 268 18.49 7.79 15.92
N LEU A 269 18.76 8.95 15.33
CA LEU A 269 19.21 10.12 16.10
C LEU A 269 18.07 10.89 16.73
N VAL A 270 16.95 11.01 16.03
CA VAL A 270 15.83 11.80 16.52
C VAL A 270 15.22 11.21 17.79
N CYS A 271 15.15 9.89 17.89
CA CYS A 271 14.41 9.33 19.02
C CYS A 271 15.06 9.61 20.36
N GLY A 272 16.32 10.06 20.39
CA GLY A 272 16.93 10.56 21.62
C GLY A 272 16.17 11.70 22.28
N VAL A 273 15.31 12.41 21.54
CA VAL A 273 14.52 13.49 22.15
C VAL A 273 13.44 12.96 23.07
N LEU A 274 13.21 11.64 23.06
CA LEU A 274 12.19 10.99 23.86
C LEU A 274 12.72 10.49 25.22
N LYS A 275 13.92 10.91 25.63
CA LYS A 275 14.52 10.43 26.87
C LYS A 275 13.75 10.85 28.11
N ASP A 276 12.82 11.78 27.99
CA ASP A 276 11.99 12.19 29.10
C ASP A 276 10.64 11.49 29.13
N ARG A 277 10.38 10.53 28.24
CA ARG A 277 9.08 9.87 28.27
C ARG A 277 9.10 8.63 29.17
N ASN A 278 7.93 8.06 29.34
CA ASN A 278 7.76 6.89 30.17
C ASN A 278 6.76 5.95 29.50
N ASP A 279 6.91 4.66 29.80
CA ASP A 279 5.98 3.61 29.36
C ASP A 279 5.85 3.51 27.84
N LEU A 280 6.90 3.88 27.11
CA LEU A 280 6.90 3.65 25.68
C LEU A 280 7.13 2.17 25.37
N GLY A 281 6.75 1.79 24.14
CA GLY A 281 6.95 0.45 23.66
C GLY A 281 7.78 0.48 22.38
N ILE A 282 8.26 -0.69 21.99
CA ILE A 282 8.99 -0.85 20.73
C ILE A 282 8.38 -1.99 19.94
N HIS A 283 8.03 -1.69 18.69
CA HIS A 283 7.71 -2.71 17.69
C HIS A 283 8.26 -2.15 16.38
N THR A 284 9.48 -2.57 16.03
CA THR A 284 10.27 -1.93 14.98
C THR A 284 10.81 -2.99 14.03
N GLU A 285 11.11 -2.60 12.79
CA GLU A 285 11.76 -3.56 11.90
C GLU A 285 13.22 -3.72 12.32
N VAL A 286 13.95 -2.61 12.36
CA VAL A 286 15.36 -2.58 12.76
C VAL A 286 15.49 -2.09 14.19
N LEU A 287 16.25 -2.81 14.99
CA LEU A 287 16.63 -2.35 16.31
C LEU A 287 17.98 -1.66 16.18
N ASN A 288 18.02 -0.37 16.53
CA ASN A 288 19.20 0.48 16.39
C ASN A 288 19.64 1.04 17.75
N PRO A 289 20.84 1.61 17.84
CA PRO A 289 21.35 2.06 19.15
C PRO A 289 20.48 3.08 19.82
N GLY A 290 19.78 3.92 19.04
CA GLY A 290 18.91 4.93 19.63
C GLY A 290 17.77 4.33 20.42
N LEU A 291 17.14 3.31 19.85
CA LEU A 291 16.05 2.66 20.57
C LEU A 291 16.56 1.90 21.79
N VAL A 292 17.71 1.25 21.65
CA VAL A 292 18.27 0.50 22.76
C VAL A 292 18.62 1.46 23.89
N ASP A 293 19.12 2.64 23.54
CA ASP A 293 19.37 3.66 24.54
C ASP A 293 18.09 3.95 25.32
N LEU A 294 16.94 4.05 24.65
CA LEU A 294 15.69 4.30 25.38
C LEU A 294 15.32 3.12 26.28
N ILE A 295 15.65 1.90 25.87
CA ILE A 295 15.46 0.73 26.74
C ILE A 295 16.35 0.87 27.96
N ARG A 296 17.64 1.16 27.75
CA ARG A 296 18.59 1.25 28.86
C ARG A 296 18.20 2.33 29.87
N ARG A 297 17.64 3.44 29.40
CA ARG A 297 17.19 4.52 30.27
C ARG A 297 15.92 4.19 31.05
N GLY A 298 15.20 3.15 30.69
CA GLY A 298 13.94 2.85 31.34
C GLY A 298 12.76 3.56 30.76
N VAL A 299 12.95 4.26 29.63
CA VAL A 299 11.85 4.91 28.93
C VAL A 299 10.88 3.87 28.36
N VAL A 300 11.42 2.81 27.78
CA VAL A 300 10.63 1.78 27.12
C VAL A 300 10.30 0.70 28.14
N THR A 301 9.02 0.51 28.43
CA THR A 301 8.59 -0.60 29.26
C THR A 301 7.77 -1.61 28.51
N ASN A 302 7.20 -1.23 27.35
CA ASN A 302 6.32 -2.09 26.58
C ASN A 302 5.06 -2.48 27.34
N GLN A 303 4.73 -1.80 28.44
CA GLN A 303 3.56 -2.20 29.20
C GLN A 303 2.24 -1.72 28.59
N ARG A 304 2.24 -0.84 27.60
CA ARG A 304 0.98 -0.41 26.99
C ARG A 304 0.68 -1.11 25.68
N LYS A 305 1.56 -2.01 25.24
CA LYS A 305 1.33 -2.72 24.00
C LYS A 305 0.25 -3.78 24.20
N THR A 306 -0.47 -4.08 23.13
CA THR A 306 -1.43 -5.17 23.15
C THR A 306 -0.78 -6.51 22.82
N LEU A 307 0.13 -6.53 21.85
CA LEU A 307 0.90 -7.71 21.49
C LEU A 307 2.28 -7.60 22.10
N ASP A 308 2.84 -8.74 22.49
CA ASP A 308 4.22 -8.78 23.00
C ASP A 308 4.37 -7.85 24.20
N ARG A 309 3.35 -7.78 25.03
CA ARG A 309 3.39 -6.86 26.16
C ARG A 309 4.61 -7.16 27.02
N GLY A 310 5.36 -6.11 27.37
CA GLY A 310 6.54 -6.27 28.17
C GLY A 310 7.82 -6.55 27.41
N ARG A 311 7.78 -6.72 26.10
CA ARG A 311 9.04 -6.97 25.38
C ARG A 311 9.16 -6.09 24.14
N SER A 312 10.38 -5.64 23.85
CA SER A 312 10.68 -4.90 22.63
C SER A 312 10.85 -5.86 21.46
N VAL A 313 10.05 -5.67 20.40
CA VAL A 313 10.01 -6.54 19.23
C VAL A 313 10.76 -5.88 18.08
N PHE A 314 11.58 -6.67 17.38
CA PHE A 314 12.35 -6.24 16.24
C PHE A 314 12.49 -7.44 15.32
N THR A 315 12.81 -7.19 14.05
CA THR A 315 13.11 -8.30 13.15
C THR A 315 14.58 -8.41 12.80
N PHE A 316 15.36 -7.33 12.89
CA PHE A 316 16.80 -7.49 12.89
C PHE A 316 17.45 -6.25 13.49
N ALA A 317 18.70 -6.42 13.93
CA ALA A 317 19.42 -5.44 14.74
C ALA A 317 20.70 -5.04 14.05
N MET A 318 21.01 -3.74 14.09
CA MET A 318 22.28 -3.21 13.58
C MET A 318 22.78 -2.16 14.55
N GLY A 319 24.08 -2.18 14.86
CA GLY A 319 24.61 -1.20 15.80
C GLY A 319 26.09 -1.32 15.99
N GLN A 320 26.58 -0.96 17.18
CA GLN A 320 27.99 -1.15 17.48
C GLN A 320 28.16 -2.21 18.57
N GLN A 321 29.43 -2.47 18.90
CA GLN A 321 29.76 -3.57 19.78
C GLN A 321 28.95 -3.52 21.08
N GLU A 322 28.83 -2.33 21.68
CA GLU A 322 28.08 -2.16 22.92
C GLU A 322 26.63 -2.65 22.80
N MET A 323 25.97 -2.34 21.68
CA MET A 323 24.61 -2.84 21.50
C MET A 323 24.57 -4.35 21.37
N TYR A 324 25.50 -4.94 20.61
CA TYR A 324 25.47 -6.38 20.37
C TYR A 324 25.66 -7.13 21.68
N GLU A 325 26.60 -6.68 22.52
CA GLU A 325 26.79 -7.28 23.84
C GLU A 325 25.53 -7.18 24.68
N TYR A 326 24.83 -6.04 24.58
CA TYR A 326 23.64 -5.81 25.41
C TYR A 326 22.49 -6.74 25.03
N LEU A 327 22.42 -7.13 23.77
CA LEU A 327 21.35 -8.01 23.30
C LEU A 327 21.50 -9.42 23.79
N ASN A 328 22.71 -9.84 24.15
CA ASN A 328 22.95 -11.22 24.54
C ASN A 328 22.11 -11.57 25.75
N ASP A 329 21.28 -12.61 25.62
CA ASP A 329 20.45 -13.14 26.72
C ASP A 329 19.50 -12.11 27.31
N HIS A 330 19.09 -11.12 26.54
CA HIS A 330 18.21 -10.09 27.07
C HIS A 330 16.80 -10.65 27.17
N PRO A 331 16.18 -10.68 28.36
CA PRO A 331 14.86 -11.28 28.49
C PRO A 331 13.69 -10.37 28.11
N ALA A 332 13.90 -9.08 27.80
CA ALA A 332 12.83 -8.17 27.37
C ALA A 332 13.02 -7.62 25.96
N ILE A 333 13.89 -8.24 25.17
CA ILE A 333 14.04 -7.95 23.74
C ILE A 333 13.81 -9.27 23.03
N PHE A 334 12.92 -9.28 22.04
CA PHE A 334 12.39 -10.51 21.48
C PHE A 334 12.26 -10.35 19.97
N SER A 335 13.09 -11.08 19.21
CA SER A 335 13.03 -10.95 17.76
C SER A 335 11.86 -11.75 17.23
N ARG A 336 11.28 -11.28 16.14
CA ARG A 336 10.26 -12.05 15.44
C ARG A 336 10.43 -11.90 13.93
N PRO A 337 9.91 -12.86 13.16
CA PRO A 337 10.10 -12.82 11.70
C PRO A 337 9.38 -11.63 11.08
N VAL A 338 9.88 -11.23 9.92
CA VAL A 338 9.42 -9.99 9.31
C VAL A 338 8.00 -10.12 8.80
N ASP A 339 7.53 -11.34 8.49
CA ASP A 339 6.13 -11.50 8.10
C ASP A 339 5.19 -11.28 9.27
N TYR A 340 5.69 -11.34 10.49
CA TYR A 340 4.97 -10.82 11.66
C TYR A 340 5.23 -9.35 11.93
N VAL A 341 6.48 -8.97 12.04
CA VAL A 341 6.83 -7.64 12.52
C VAL A 341 6.31 -6.56 11.57
N ASN A 342 6.50 -6.74 10.27
CA ASN A 342 6.16 -5.73 9.29
C ASN A 342 4.76 -5.90 8.72
N ASP A 343 3.97 -6.82 9.23
CA ASP A 343 2.62 -7.00 8.74
C ASP A 343 1.76 -5.83 9.21
N PRO A 344 1.16 -5.06 8.30
CA PRO A 344 0.38 -3.89 8.76
C PRO A 344 -0.71 -4.24 9.74
N HIS A 345 -1.34 -5.40 9.55
CA HIS A 345 -2.40 -5.82 10.45
C HIS A 345 -1.86 -6.09 11.85
N ILE A 346 -0.63 -6.59 11.97
CA ILE A 346 -0.05 -6.83 13.27
C ILE A 346 0.37 -5.50 13.90
N ILE A 347 1.06 -4.67 13.12
CA ILE A 347 1.52 -3.37 13.63
C ILE A 347 0.37 -2.60 14.26
N ALA A 348 -0.77 -2.64 13.58
CA ALA A 348 -1.95 -1.87 13.95
C ALA A 348 -2.58 -2.32 15.27
N GLN A 349 -2.26 -3.52 15.76
CA GLN A 349 -2.91 -4.02 16.97
C GLN A 349 -2.44 -3.32 18.21
N ASN A 350 -1.26 -2.71 18.17
CA ASN A 350 -0.79 -1.87 19.26
C ASN A 350 -1.35 -0.46 19.06
N ASP A 351 -1.86 0.13 20.14
CA ASP A 351 -2.32 1.51 20.09
C ASP A 351 -1.16 2.48 20.07
N ASN A 352 -1.40 3.67 19.51
CA ASN A 352 -0.44 4.78 19.57
C ASN A 352 0.89 4.41 18.96
N VAL A 353 0.86 3.65 17.86
CA VAL A 353 2.10 3.42 17.11
C VAL A 353 2.63 4.75 16.62
N VAL A 354 3.96 4.92 16.70
CA VAL A 354 4.62 6.03 16.02
C VAL A 354 5.70 5.43 15.14
N SER A 355 5.53 5.59 13.83
CA SER A 355 6.50 5.18 12.84
C SER A 355 7.22 6.42 12.31
N ILE A 356 8.56 6.43 12.40
CA ILE A 356 9.37 7.52 11.89
C ILE A 356 10.32 6.96 10.82
N ASN A 357 10.07 7.32 9.57
CA ASN A 357 10.88 6.89 8.44
C ASN A 357 11.46 8.12 7.72
N ALA A 358 12.57 7.92 7.01
CA ALA A 358 13.20 8.99 6.25
C ALA A 358 12.92 8.84 4.77
N THR A 359 13.18 9.91 4.00
CA THR A 359 13.00 9.88 2.56
C THR A 359 14.04 10.77 1.88
N LEU A 360 14.11 10.65 0.55
CA LEU A 360 14.97 11.49 -0.28
C LEU A 360 14.20 12.62 -0.97
N GLN A 361 12.97 12.35 -1.40
CA GLN A 361 12.17 13.34 -2.12
C GLN A 361 10.70 13.17 -1.81
N ILE A 362 10.02 14.30 -1.73
CA ILE A 362 8.59 14.40 -1.54
C ILE A 362 8.01 15.31 -2.62
N ASP A 363 6.96 14.85 -3.27
CA ASP A 363 6.40 15.69 -4.32
C ASP A 363 5.19 16.43 -3.75
N LEU A 364 4.59 17.29 -4.57
CA LEU A 364 3.59 18.20 -4.05
C LEU A 364 2.24 17.53 -3.78
N THR A 365 2.12 16.23 -4.08
CA THR A 365 0.95 15.44 -3.70
C THR A 365 1.18 14.64 -2.42
N GLY A 366 2.41 14.59 -1.95
CA GLY A 366 2.75 13.84 -0.76
C GLY A 366 3.27 12.44 -1.04
N ALA A 367 3.45 12.07 -2.31
CA ALA A 367 4.16 10.85 -2.64
C ALA A 367 5.63 11.02 -2.32
N CYS A 368 6.28 9.93 -1.87
CA CYS A 368 7.68 9.94 -1.45
C CYS A 368 8.51 8.93 -2.24
N ASN A 369 9.71 9.35 -2.62
CA ASN A 369 10.76 8.47 -3.13
C ASN A 369 11.83 8.38 -2.04
N SER A 370 11.98 7.20 -1.45
CA SER A 370 12.93 7.01 -0.37
C SER A 370 14.09 6.11 -0.78
N GLU A 371 14.31 5.91 -2.06
CA GLU A 371 15.15 4.80 -2.49
C GLU A 371 15.93 4.98 -3.78
N HIS A 372 15.81 6.12 -4.46
CA HIS A 372 16.32 6.29 -5.80
C HIS A 372 16.79 7.72 -5.96
N MET A 373 18.00 7.91 -6.50
CA MET A 373 18.44 9.28 -6.71
C MET A 373 19.56 9.31 -7.75
N LEU A 374 19.60 10.42 -8.47
CA LEU A 374 20.63 10.67 -9.47
C LEU A 374 20.70 9.50 -10.45
N GLY A 375 19.53 9.09 -10.91
CA GLY A 375 19.42 8.13 -11.98
C GLY A 375 19.53 6.67 -11.60
N HIS A 376 19.81 6.33 -10.33
CA HIS A 376 20.03 4.93 -9.96
C HIS A 376 19.32 4.58 -8.67
N GLN A 377 19.03 3.28 -8.50
CA GLN A 377 18.53 2.77 -7.24
C GLN A 377 19.57 3.05 -6.17
N TYR A 378 19.14 3.68 -5.08
CA TYR A 378 19.98 4.06 -3.96
C TYR A 378 19.82 3.15 -2.75
N SER A 379 18.59 2.70 -2.44
CA SER A 379 18.33 1.80 -1.32
C SER A 379 17.20 0.84 -1.67
N ALA A 380 16.00 1.04 -1.10
CA ALA A 380 14.87 0.16 -1.33
C ALA A 380 13.64 0.72 -0.62
N SER A 381 12.48 0.22 -1.02
CA SER A 381 11.28 0.49 -0.24
C SER A 381 11.38 -0.16 1.14
N GLY A 382 11.88 -1.40 1.17
CA GLY A 382 12.02 -2.14 2.42
C GLY A 382 10.70 -2.28 3.15
N GLY A 383 10.71 -1.92 4.41
CA GLY A 383 9.54 -1.94 5.23
C GLY A 383 8.93 -0.57 5.39
N GLN A 384 9.31 0.41 4.57
CA GLN A 384 8.78 1.74 4.77
C GLN A 384 7.26 1.72 4.62
N LEU A 385 6.75 1.16 3.51
CA LEU A 385 5.33 1.25 3.25
C LEU A 385 4.54 0.35 4.22
N ASP A 386 5.12 -0.80 4.61
CA ASP A 386 4.55 -1.61 5.69
C ASP A 386 4.21 -0.77 6.92
N PHE A 387 5.15 0.05 7.38
CA PHE A 387 4.96 0.78 8.63
C PHE A 387 4.16 2.07 8.43
N VAL A 388 4.23 2.68 7.24
CA VAL A 388 3.31 3.78 6.94
C VAL A 388 1.89 3.29 7.07
N ARG A 389 1.60 2.13 6.50
CA ARG A 389 0.25 1.58 6.56
C ARG A 389 -0.10 1.16 7.98
N GLY A 390 0.79 0.42 8.64
CA GLY A 390 0.43 -0.11 9.93
C GLY A 390 0.21 0.99 10.94
N ALA A 391 1.03 2.04 10.87
CA ALA A 391 0.95 3.08 11.88
C ALA A 391 -0.35 3.84 11.75
N TYR A 392 -0.80 4.14 10.51
CA TYR A 392 -2.08 4.82 10.38
C TYR A 392 -3.23 3.94 10.85
N ALA A 393 -3.14 2.63 10.66
CA ALA A 393 -4.21 1.76 11.11
C ALA A 393 -4.22 1.57 12.63
N SER A 394 -3.10 1.81 13.32
CA SER A 394 -3.09 1.76 14.77
C SER A 394 -4.04 2.81 15.37
N LYS A 395 -4.76 2.42 16.42
CA LYS A 395 -5.62 3.37 17.13
C LYS A 395 -4.78 4.44 17.84
N GLY A 396 -4.93 5.71 17.43
CA GLY A 396 -4.07 6.78 17.91
C GLY A 396 -2.72 6.81 17.22
N GLY A 397 -2.51 5.98 16.19
CA GLY A 397 -1.21 5.86 15.57
C GLY A 397 -0.91 6.99 14.59
N ARG A 398 0.40 7.17 14.35
CA ARG A 398 0.90 8.16 13.39
C ARG A 398 2.09 7.63 12.61
N SER A 399 2.02 7.72 11.29
CA SER A 399 3.16 7.52 10.43
C SER A 399 3.75 8.87 10.12
N ILE A 400 5.05 8.97 10.30
CA ILE A 400 5.79 10.19 10.00
C ILE A 400 6.86 9.85 8.98
N ILE A 401 6.86 10.60 7.90
CA ILE A 401 7.99 10.63 6.97
C ILE A 401 8.66 11.97 7.19
N ALA A 402 9.93 11.94 7.63
CA ALA A 402 10.62 13.16 8.04
C ALA A 402 11.90 13.31 7.24
N THR A 403 12.23 14.57 6.93
CA THR A 403 13.40 14.81 6.12
C THR A 403 13.80 16.27 6.29
N PRO A 404 15.10 16.58 6.25
CA PRO A 404 15.52 17.97 5.97
C PRO A 404 14.91 18.42 4.65
N SER A 405 14.56 19.71 4.58
CA SER A 405 13.89 20.25 3.41
C SER A 405 14.82 20.34 2.20
N THR A 406 16.13 20.30 2.42
CA THR A 406 17.11 20.50 1.35
C THR A 406 18.18 19.41 1.44
N ALA A 407 18.99 19.37 0.38
CA ALA A 407 20.19 18.54 0.32
C ALA A 407 21.28 19.33 -0.40
N ALA A 408 22.49 18.77 -0.40
CA ALA A 408 23.62 19.37 -1.10
C ALA A 408 23.87 20.82 -0.67
N LYS A 409 24.18 20.98 0.62
CA LYS A 409 24.49 22.28 1.22
C LYS A 409 23.48 23.34 0.79
N GLY A 410 22.19 22.98 0.89
CA GLY A 410 21.10 23.90 0.65
C GLY A 410 20.81 24.22 -0.79
N THR A 411 21.51 23.59 -1.74
CA THR A 411 21.35 23.93 -3.15
C THR A 411 20.23 23.15 -3.82
N VAL A 412 19.82 22.03 -3.25
CA VAL A 412 18.78 21.18 -3.82
C VAL A 412 17.64 21.05 -2.82
N SER A 413 16.42 21.16 -3.33
CA SER A 413 15.21 20.96 -2.54
C SER A 413 14.81 19.50 -2.53
N ARG A 414 14.51 18.97 -1.33
CA ARG A 414 13.98 17.61 -1.29
C ARG A 414 12.48 17.59 -1.55
N ILE A 415 11.84 18.74 -1.49
CA ILE A 415 10.44 18.92 -1.91
C ILE A 415 10.46 19.31 -3.37
N ILE A 416 9.82 18.52 -4.21
CA ILE A 416 9.91 18.74 -5.65
C ILE A 416 8.52 18.67 -6.27
N PRO A 417 8.36 19.21 -7.49
CA PRO A 417 7.02 19.20 -8.11
C PRO A 417 6.53 17.79 -8.35
N ARG A 418 7.39 16.94 -8.91
CA ARG A 418 6.99 15.61 -9.34
C ARG A 418 8.20 14.70 -9.26
N ILE A 419 8.01 13.54 -8.64
CA ILE A 419 9.06 12.53 -8.56
C ILE A 419 9.35 11.96 -9.95
N ASP A 420 10.63 12.00 -10.35
CA ASP A 420 11.12 11.39 -11.59
C ASP A 420 11.92 10.14 -11.20
N GLY A 421 11.22 9.03 -11.10
CA GLY A 421 11.78 7.86 -10.47
C GLY A 421 10.67 7.04 -9.85
N PRO A 422 11.03 5.98 -9.15
CA PRO A 422 10.03 5.14 -8.48
C PRO A 422 9.43 5.87 -7.29
N VAL A 423 8.17 5.57 -7.02
CA VAL A 423 7.52 6.01 -5.78
C VAL A 423 7.65 4.90 -4.75
N THR A 424 8.15 5.26 -3.56
CA THR A 424 8.13 4.36 -2.40
C THR A 424 6.78 4.37 -1.73
N THR A 425 6.34 5.54 -1.25
CA THR A 425 5.09 5.65 -0.54
C THR A 425 4.12 6.45 -1.40
N PRO A 426 3.05 5.84 -1.90
CA PRO A 426 2.13 6.58 -2.77
C PRO A 426 1.35 7.62 -1.99
N ARG A 427 0.81 8.61 -2.71
CA ARG A 427 0.18 9.73 -2.05
C ARG A 427 -1.04 9.32 -1.23
N ILE A 428 -1.69 8.18 -1.54
CA ILE A 428 -2.87 7.81 -0.77
C ILE A 428 -2.52 7.14 0.56
N ASP A 429 -1.26 6.77 0.75
CA ASP A 429 -0.84 6.14 2.00
C ASP A 429 -0.17 7.14 2.95
N THR A 430 0.51 8.16 2.43
CA THR A 430 1.25 9.07 3.30
C THR A 430 0.33 9.69 4.37
N HIS A 431 0.82 9.76 5.62
CA HIS A 431 0.07 10.30 6.75
C HIS A 431 0.69 11.66 7.07
N TYR A 432 1.63 11.74 8.01
CA TYR A 432 2.35 12.97 8.29
C TYR A 432 3.66 13.05 7.51
N ILE A 433 3.98 14.26 7.09
CA ILE A 433 5.29 14.67 6.65
C ILE A 433 5.80 15.72 7.62
N VAL A 434 7.09 15.66 7.95
CA VAL A 434 7.76 16.60 8.84
C VAL A 434 9.05 17.03 8.17
N THR A 435 9.27 18.35 8.14
CA THR A 435 10.60 18.91 7.87
C THR A 435 10.94 19.83 9.03
N GLU A 436 12.11 20.48 8.93
CA GLU A 436 12.49 21.47 9.93
C GLU A 436 11.53 22.65 9.96
N PHE A 437 10.62 22.77 8.98
CA PHE A 437 9.68 23.89 8.97
C PHE A 437 8.27 23.55 9.47
N GLY A 438 8.02 22.30 9.89
CA GLY A 438 6.76 21.94 10.51
C GLY A 438 6.26 20.59 10.03
N ALA A 439 4.96 20.38 10.21
CA ALA A 439 4.30 19.12 9.93
C ALA A 439 3.01 19.34 9.16
N VAL A 440 2.64 18.32 8.38
CA VAL A 440 1.33 18.29 7.73
C VAL A 440 0.78 16.87 7.83
N ASN A 441 -0.52 16.78 8.08
CA ASN A 441 -1.30 15.55 8.05
C ASN A 441 -2.06 15.54 6.72
N LEU A 442 -1.67 14.65 5.80
CA LEU A 442 -2.23 14.67 4.44
C LEU A 442 -3.59 14.00 4.31
N LYS A 443 -4.00 13.22 5.30
CA LYS A 443 -5.17 12.37 5.16
C LYS A 443 -6.44 13.20 5.10
N GLY A 444 -7.20 13.03 4.02
CA GLY A 444 -8.41 13.78 3.81
C GLY A 444 -8.21 15.14 3.15
N LEU A 445 -6.98 15.56 2.90
CA LEU A 445 -6.73 16.83 2.24
C LEU A 445 -6.87 16.72 0.73
N SER A 446 -7.44 17.75 0.11
CA SER A 446 -7.49 17.82 -1.34
C SER A 446 -6.09 17.98 -1.90
N SER A 447 -5.95 17.78 -3.23
CA SER A 447 -4.68 18.05 -3.89
C SER A 447 -4.20 19.48 -3.66
N THR A 448 -5.13 20.43 -3.64
CA THR A 448 -4.76 21.83 -3.43
C THR A 448 -4.22 22.05 -2.02
N GLU A 449 -4.97 21.58 -1.01
CA GLU A 449 -4.52 21.67 0.38
C GLU A 449 -3.18 20.98 0.58
N ARG A 450 -3.00 19.79 -0.01
CA ARG A 450 -1.73 19.07 0.10
C ARG A 450 -0.59 19.92 -0.44
N ALA A 451 -0.75 20.43 -1.67
CA ALA A 451 0.33 21.15 -2.33
C ALA A 451 0.65 22.43 -1.58
N LEU A 452 -0.37 23.20 -1.20
CA LEU A 452 -0.13 24.44 -0.48
C LEU A 452 0.57 24.18 0.85
N ARG A 453 0.17 23.14 1.58
CA ARG A 453 0.79 22.88 2.88
C ARG A 453 2.19 22.31 2.73
N ILE A 454 2.40 21.42 1.75
CA ILE A 454 3.74 20.87 1.53
C ILE A 454 4.68 22.00 1.10
N ILE A 455 4.19 22.94 0.31
CA ILE A 455 5.07 24.03 -0.11
C ILE A 455 5.59 24.81 1.09
N GLU A 456 4.78 24.95 2.13
CA GLU A 456 5.20 25.72 3.30
C GLU A 456 6.16 24.95 4.20
N LEU A 457 6.35 23.65 3.93
CA LEU A 457 7.40 22.87 4.57
C LEU A 457 8.71 22.88 3.80
N ALA A 458 8.70 23.35 2.56
CA ALA A 458 9.94 23.52 1.81
C ALA A 458 10.71 24.72 2.34
N HIS A 459 11.97 24.76 1.97
CA HIS A 459 12.82 25.89 2.35
C HIS A 459 12.31 27.16 1.67
N PRO A 460 12.29 28.29 2.36
CA PRO A 460 11.78 29.53 1.74
C PRO A 460 12.34 29.84 0.37
N ASP A 461 13.60 29.48 0.13
CA ASP A 461 14.25 29.75 -1.14
C ASP A 461 13.52 29.07 -2.29
N PHE A 462 12.79 27.99 -2.04
CA PHE A 462 12.20 27.21 -3.10
C PHE A 462 10.71 27.39 -3.20
N ARG A 463 10.09 28.11 -2.27
CA ARG A 463 8.63 28.11 -2.24
C ARG A 463 8.01 28.75 -3.47
N ASP A 464 8.59 29.85 -4.00
CA ASP A 464 8.01 30.49 -5.18
C ASP A 464 8.08 29.57 -6.41
N GLU A 465 9.23 28.93 -6.63
CA GLU A 465 9.36 27.96 -7.72
C GLU A 465 8.31 26.87 -7.60
N LEU A 466 8.17 26.31 -6.38
CA LEU A 466 7.24 25.21 -6.17
C LEU A 466 5.81 25.66 -6.41
N THR A 467 5.47 26.87 -5.95
CA THR A 467 4.12 27.40 -6.19
C THR A 467 3.82 27.53 -7.68
N GLN A 468 4.78 28.07 -8.44
CA GLN A 468 4.57 28.17 -9.89
C GLN A 468 4.47 26.80 -10.52
N ALA A 469 5.29 25.85 -10.08
CA ALA A 469 5.16 24.49 -10.58
C ALA A 469 3.79 23.89 -10.24
N ALA A 470 3.31 24.10 -9.02
CA ALA A 470 1.98 23.60 -8.66
C ALA A 470 0.91 24.20 -9.58
N LYS A 471 1.02 25.49 -9.89
CA LYS A 471 0.05 26.11 -10.79
C LYS A 471 0.09 25.45 -12.17
N LYS A 472 1.30 25.25 -12.73
CA LYS A 472 1.40 24.63 -14.05
C LYS A 472 0.82 23.22 -14.05
N MET A 473 0.99 22.48 -12.95
CA MET A 473 0.45 21.13 -12.88
C MET A 473 -1.04 21.13 -12.55
N HIS A 474 -1.62 22.30 -12.31
CA HIS A 474 -3.03 22.47 -11.94
C HIS A 474 -3.37 21.83 -10.60
N LEU A 475 -2.38 21.67 -9.71
CA LEU A 475 -2.67 21.27 -8.35
C LEU A 475 -3.32 22.41 -7.59
N ILE A 476 -2.96 23.65 -7.94
CA ILE A 476 -3.55 24.80 -7.33
C ILE A 476 -4.01 25.76 -8.42
N MET B 37 -41.70 4.05 19.20
CA MET B 37 -43.02 3.34 19.14
C MET B 37 -43.88 3.85 17.96
N ASP B 38 -44.21 5.14 17.94
CA ASP B 38 -45.16 5.69 16.96
C ASP B 38 -44.43 6.16 15.70
N ILE B 39 -44.14 5.21 14.81
CA ILE B 39 -43.31 5.53 13.64
C ILE B 39 -44.09 6.37 12.63
N ARG B 40 -45.42 6.21 12.59
CA ARG B 40 -46.20 6.90 11.57
C ARG B 40 -46.33 8.39 11.88
N ALA B 41 -46.38 8.75 13.17
CA ALA B 41 -46.33 10.15 13.58
C ALA B 41 -44.94 10.73 13.38
N LEU B 42 -43.90 9.99 13.76
CA LEU B 42 -42.52 10.46 13.60
C LEU B 42 -42.22 10.77 12.13
N TYR B 43 -42.73 9.93 11.24
CA TYR B 43 -42.58 10.18 9.80
C TYR B 43 -43.19 11.53 9.42
N ASP B 44 -44.43 11.77 9.80
CA ASP B 44 -45.09 13.01 9.38
C ASP B 44 -44.41 14.23 9.99
N GLU B 45 -43.92 14.12 11.24
CA GLU B 45 -43.14 15.21 11.82
C GLU B 45 -41.94 15.58 10.95
N LYS B 46 -41.25 14.58 10.41
CA LYS B 46 -40.01 14.83 9.71
C LYS B 46 -40.22 15.07 8.22
N LEU B 47 -41.39 14.72 7.69
CA LEU B 47 -41.68 14.93 6.28
C LEU B 47 -41.80 16.42 5.94
N THR B 48 -41.22 16.82 4.82
CA THR B 48 -41.18 18.24 4.48
C THR B 48 -40.96 18.38 2.98
N THR B 49 -40.78 19.62 2.52
CA THR B 49 -40.43 19.88 1.14
C THR B 49 -38.92 19.90 0.96
N PRO B 50 -38.45 19.67 -0.25
CA PRO B 50 -37.01 19.79 -0.50
C PRO B 50 -36.45 21.15 -0.12
N GLU B 51 -37.18 22.21 -0.45
CA GLU B 51 -36.73 23.56 -0.15
C GLU B 51 -36.50 23.75 1.34
N GLU B 52 -37.46 23.35 2.15
CA GLU B 52 -37.29 23.50 3.59
C GLU B 52 -36.20 22.57 4.09
N ALA B 53 -36.14 21.36 3.52
CA ALA B 53 -35.20 20.36 4.02
C ALA B 53 -33.76 20.88 3.98
N VAL B 54 -33.41 21.61 2.92
CA VAL B 54 -32.06 22.08 2.76
C VAL B 54 -31.88 23.50 3.30
N SER B 55 -32.93 24.10 3.88
CA SER B 55 -32.86 25.53 4.15
C SER B 55 -31.92 25.86 5.29
N SER B 56 -31.58 24.88 6.12
CA SER B 56 -30.82 25.17 7.32
C SER B 56 -29.38 24.66 7.26
N ILE B 57 -28.98 24.03 6.17
CA ILE B 57 -27.56 23.72 5.98
C ILE B 57 -26.78 25.02 6.09
N ALA B 58 -25.72 25.04 6.89
CA ALA B 58 -25.00 26.29 7.17
C ALA B 58 -24.00 26.63 6.07
N SER B 59 -23.80 27.94 5.83
CA SER B 59 -22.66 28.36 5.02
C SER B 59 -21.37 27.97 5.74
N GLY B 60 -20.33 27.69 4.96
CA GLY B 60 -19.06 27.31 5.53
C GLY B 60 -19.03 25.92 6.15
N SER B 61 -19.95 25.03 5.80
CA SER B 61 -20.01 23.71 6.41
C SER B 61 -19.61 22.65 5.39
N HIS B 62 -19.56 21.40 5.87
CA HIS B 62 -19.18 20.27 5.03
C HIS B 62 -20.39 19.35 4.87
N LEU B 63 -20.69 19.02 3.61
CA LEU B 63 -21.80 18.17 3.26
C LEU B 63 -21.27 16.97 2.47
N SER B 64 -21.91 15.82 2.63
CA SER B 64 -21.60 14.67 1.79
C SER B 64 -22.93 14.04 1.41
N MET B 65 -22.84 13.11 0.45
CA MET B 65 -24.01 12.43 -0.07
C MET B 65 -23.58 11.08 -0.63
N GLY B 66 -24.58 10.26 -0.96
CA GLY B 66 -24.31 8.93 -1.48
C GLY B 66 -23.71 8.98 -2.89
N GLY B 67 -23.24 7.83 -3.34
CA GLY B 67 -22.67 7.73 -4.67
C GLY B 67 -23.71 7.49 -5.76
N PHE B 68 -23.37 7.90 -6.98
CA PHE B 68 -24.08 7.63 -8.24
C PHE B 68 -25.61 7.61 -8.11
N ALA B 69 -26.26 6.45 -8.20
CA ALA B 69 -27.73 6.47 -8.20
C ALA B 69 -28.35 6.80 -6.85
N ALA B 70 -27.55 6.93 -5.80
CA ALA B 70 -28.05 7.37 -4.50
C ALA B 70 -28.01 8.89 -4.30
N GLU B 71 -27.47 9.64 -5.25
CA GLU B 71 -27.53 11.10 -5.21
C GLU B 71 -28.98 11.56 -5.23
N PRO B 72 -29.46 12.31 -4.25
CA PRO B 72 -30.92 12.58 -4.16
C PRO B 72 -31.32 13.78 -5.01
N PRO B 73 -32.05 13.55 -6.11
CA PRO B 73 -32.24 14.64 -7.07
C PRO B 73 -33.07 15.79 -6.53
N ALA B 74 -34.13 15.52 -5.78
CA ALA B 74 -34.95 16.64 -5.32
C ALA B 74 -34.18 17.51 -4.33
N LEU B 75 -33.47 16.88 -3.39
CA LEU B 75 -32.67 17.62 -2.44
C LEU B 75 -31.55 18.37 -3.12
N LEU B 76 -30.90 17.75 -4.10
CA LEU B 76 -29.81 18.46 -4.74
C LEU B 76 -30.33 19.59 -5.60
N LYS B 77 -31.51 19.42 -6.20
CA LYS B 77 -32.06 20.55 -6.95
C LYS B 77 -32.34 21.72 -6.02
N ALA B 78 -32.96 21.42 -4.86
CA ALA B 78 -33.29 22.49 -3.91
C ALA B 78 -32.03 23.15 -3.36
N LEU B 79 -30.97 22.38 -3.14
CA LEU B 79 -29.72 22.96 -2.67
C LEU B 79 -29.09 23.84 -3.74
N ALA B 80 -29.07 23.37 -4.98
CA ALA B 80 -28.57 24.20 -6.07
C ALA B 80 -29.34 25.50 -6.16
N ASP B 81 -30.66 25.44 -5.99
CA ASP B 81 -31.48 26.65 -6.03
C ASP B 81 -31.10 27.65 -4.94
N ARG B 82 -30.76 27.17 -3.73
CA ARG B 82 -30.27 28.07 -2.67
C ARG B 82 -29.00 28.79 -3.10
N ALA B 83 -28.07 28.05 -3.69
CA ALA B 83 -26.84 28.66 -4.13
C ALA B 83 -27.11 29.66 -5.25
N THR B 84 -28.02 29.33 -6.17
CA THR B 84 -28.35 30.27 -7.24
C THR B 84 -28.80 31.60 -6.68
N ARG B 85 -29.59 31.57 -5.62
CA ARG B 85 -30.11 32.74 -4.95
C ARG B 85 -29.07 33.41 -4.07
N GLY B 86 -27.84 32.92 -4.07
CA GLY B 86 -26.80 33.44 -3.21
C GLY B 86 -27.09 33.28 -1.74
N ASP B 87 -27.93 32.31 -1.38
CA ASP B 87 -28.36 32.10 0.00
C ASP B 87 -27.53 31.07 0.75
N ILE B 88 -26.50 30.51 0.12
CA ILE B 88 -25.55 29.67 0.86
C ILE B 88 -24.20 29.85 0.19
N GLY B 89 -23.15 29.77 0.99
CA GLY B 89 -21.81 29.90 0.46
C GLY B 89 -20.79 29.11 1.24
N ASP B 90 -19.62 28.94 0.63
CA ASP B 90 -18.51 28.21 1.21
C ASP B 90 -18.97 26.83 1.71
N LEU B 91 -19.74 26.15 0.89
CA LEU B 91 -20.20 24.80 1.22
C LEU B 91 -19.33 23.79 0.47
N ARG B 92 -18.52 23.03 1.20
CA ARG B 92 -17.77 21.91 0.62
C ARG B 92 -18.69 20.70 0.49
N VAL B 93 -18.68 20.06 -0.67
CA VAL B 93 -19.42 18.82 -0.88
C VAL B 93 -18.41 17.72 -1.21
N TYR B 94 -18.35 16.71 -0.35
CA TYR B 94 -17.48 15.55 -0.50
C TYR B 94 -18.33 14.38 -0.99
N TYR B 95 -17.92 13.74 -2.10
CA TYR B 95 -18.78 12.79 -2.79
C TYR B 95 -17.95 11.95 -3.74
N PHE B 96 -18.56 10.90 -4.28
CA PHE B 96 -17.88 10.04 -5.25
C PHE B 96 -18.86 9.52 -6.30
N GLU B 97 -18.28 9.06 -7.41
CA GLU B 97 -18.98 8.49 -8.56
C GLU B 97 -20.22 9.29 -8.93
N THR B 98 -19.97 10.43 -9.54
CA THR B 98 -20.97 11.43 -9.85
C THR B 98 -22.00 10.92 -10.84
N ALA B 99 -23.24 11.31 -10.66
CA ALA B 99 -24.25 11.07 -11.70
C ALA B 99 -24.68 12.38 -12.36
N LYS B 100 -25.40 12.25 -13.48
CA LYS B 100 -26.03 13.41 -14.10
C LYS B 100 -26.82 14.24 -13.10
N ILE B 101 -27.36 13.58 -12.07
CA ILE B 101 -28.18 14.25 -11.04
C ILE B 101 -27.41 15.40 -10.40
N ALA B 102 -26.21 15.11 -9.89
CA ALA B 102 -25.41 16.18 -9.30
C ALA B 102 -24.82 17.07 -10.39
N GLY B 103 -24.46 16.50 -11.53
CA GLY B 103 -23.90 17.32 -12.60
C GLY B 103 -24.83 18.42 -13.08
N ASP B 104 -26.13 18.17 -13.09
CA ASP B 104 -27.12 19.15 -13.52
C ASP B 104 -27.61 20.07 -12.41
N THR B 105 -27.28 19.79 -11.14
CA THR B 105 -27.79 20.58 -10.02
C THR B 105 -26.62 21.25 -9.32
N ILE B 106 -26.14 20.72 -8.19
CA ILE B 106 -25.20 21.46 -7.36
C ILE B 106 -23.83 21.65 -8.02
N LEU B 107 -23.49 20.81 -9.00
CA LEU B 107 -22.19 20.88 -9.65
C LEU B 107 -22.19 21.74 -10.92
N ARG B 108 -23.29 22.45 -11.20
CA ARG B 108 -23.32 23.36 -12.33
C ARG B 108 -22.22 24.39 -12.20
N TYR B 109 -21.56 24.67 -13.29
CA TYR B 109 -20.37 25.50 -13.27
C TYR B 109 -20.64 26.85 -12.63
N GLU B 110 -21.80 27.42 -12.87
CA GLU B 110 -22.13 28.73 -12.32
C GLU B 110 -22.16 28.73 -10.80
N LEU B 111 -22.33 27.58 -10.16
CA LEU B 111 -22.44 27.54 -8.70
C LEU B 111 -21.13 27.22 -7.99
N ASN B 112 -20.04 27.00 -8.73
CA ASN B 112 -18.83 26.45 -8.12
C ASN B 112 -18.13 27.41 -7.15
N ASN B 113 -18.46 28.69 -7.16
CA ASN B 113 -17.91 29.61 -6.16
C ASN B 113 -18.63 29.47 -4.83
N ARG B 114 -19.80 28.84 -4.80
CA ARG B 114 -20.58 28.70 -3.59
C ARG B 114 -20.68 27.27 -3.10
N ILE B 115 -20.79 26.32 -4.02
CA ILE B 115 -20.74 24.90 -3.72
C ILE B 115 -19.44 24.38 -4.30
N LYS B 116 -18.51 24.04 -3.43
CA LYS B 116 -17.15 23.69 -3.81
C LYS B 116 -17.08 22.18 -3.92
N PRO B 117 -16.94 21.60 -5.12
CA PRO B 117 -16.86 20.13 -5.22
C PRO B 117 -15.54 19.62 -4.68
N TYR B 118 -15.62 18.67 -3.75
CA TYR B 118 -14.47 17.91 -3.28
C TYR B 118 -14.72 16.47 -3.68
N SER B 119 -14.34 16.13 -4.91
CA SER B 119 -14.61 14.84 -5.46
C SER B 119 -13.59 13.81 -4.99
N MET B 120 -14.07 12.63 -4.66
CA MET B 120 -13.19 11.52 -4.32
C MET B 120 -13.04 10.53 -5.46
N PHE B 121 -13.72 10.78 -6.58
CA PHE B 121 -13.60 9.91 -7.73
C PHE B 121 -14.00 10.74 -8.96
N VAL B 122 -12.99 11.18 -9.71
CA VAL B 122 -13.26 12.05 -10.86
C VAL B 122 -13.99 11.27 -11.94
N THR B 123 -14.99 11.93 -12.54
CA THR B 123 -15.75 11.39 -13.66
C THR B 123 -15.75 12.42 -14.79
N ALA B 124 -16.45 12.08 -15.87
CA ALA B 124 -16.59 13.02 -16.99
C ALA B 124 -17.19 14.34 -16.51
N VAL B 125 -18.06 14.30 -15.49
CA VAL B 125 -18.66 15.54 -14.99
C VAL B 125 -17.59 16.49 -14.50
N GLU B 126 -16.71 16.01 -13.61
CA GLU B 126 -15.65 16.86 -13.10
C GLU B 126 -14.65 17.20 -14.19
N ARG B 127 -14.32 16.25 -15.08
CA ARG B 127 -13.37 16.54 -16.15
C ARG B 127 -13.88 17.68 -17.03
N ALA B 128 -15.19 17.70 -17.32
CA ALA B 128 -15.76 18.83 -18.04
C ALA B 128 -15.54 20.12 -17.26
N LEU B 129 -15.88 20.13 -15.97
CA LEU B 129 -15.70 21.34 -15.19
C LEU B 129 -14.23 21.76 -15.18
N ILE B 130 -13.33 20.79 -15.20
CA ILE B 130 -11.94 21.13 -15.21
C ILE B 130 -11.51 21.82 -16.50
N ARG B 131 -11.86 21.23 -17.63
CA ARG B 131 -11.59 21.87 -18.90
C ARG B 131 -12.20 23.26 -18.95
N ARG B 132 -13.50 23.36 -18.61
CA ARG B 132 -14.18 24.65 -18.62
C ARG B 132 -13.44 25.65 -17.75
N GLY B 133 -13.02 25.22 -16.57
CA GLY B 133 -12.25 26.09 -15.70
C GLY B 133 -10.96 26.58 -16.33
N ILE B 134 -10.21 25.70 -16.98
CA ILE B 134 -8.93 26.14 -17.52
C ILE B 134 -9.17 27.11 -18.69
N GLU B 135 -10.15 26.80 -19.54
CA GLU B 135 -10.56 27.74 -20.59
C GLU B 135 -11.09 29.05 -20.01
N ASP B 136 -11.98 28.96 -19.01
CA ASP B 136 -12.61 30.16 -18.46
C ASP B 136 -11.65 30.91 -17.55
N GLY B 137 -10.44 31.14 -18.03
CA GLY B 137 -9.49 31.91 -17.28
C GLY B 137 -8.59 31.07 -16.39
N GLY B 138 -8.19 29.89 -16.87
CA GLY B 138 -7.27 29.03 -16.16
C GLY B 138 -7.73 28.71 -14.74
N ARG B 139 -9.05 28.72 -14.54
CA ARG B 139 -9.61 28.59 -13.21
C ARG B 139 -9.55 27.15 -12.72
N LYS B 140 -9.30 26.98 -11.42
CA LYS B 140 -9.37 25.68 -10.77
C LYS B 140 -10.66 25.62 -9.95
N VAL B 141 -11.56 24.71 -10.31
CA VAL B 141 -12.94 24.76 -9.82
C VAL B 141 -13.42 23.41 -9.26
N VAL B 142 -12.62 22.37 -9.34
CA VAL B 142 -12.90 21.08 -8.74
C VAL B 142 -11.71 20.73 -7.88
N ASN B 143 -11.98 20.29 -6.66
CA ASN B 143 -10.95 19.72 -5.79
C ASN B 143 -11.04 18.19 -5.83
N TYR B 144 -9.89 17.56 -5.73
CA TYR B 144 -9.82 16.11 -5.73
C TYR B 144 -9.21 15.68 -4.39
N VAL B 145 -9.82 14.67 -3.76
CA VAL B 145 -9.35 14.15 -2.46
C VAL B 145 -8.76 12.75 -2.63
N PRO B 146 -7.43 12.60 -2.69
CA PRO B 146 -6.85 11.26 -2.80
C PRO B 146 -7.19 10.39 -1.59
N SER B 147 -7.43 9.11 -1.83
CA SER B 147 -7.74 8.21 -0.71
C SER B 147 -7.60 6.77 -1.11
N ASN B 148 -7.36 5.91 -0.11
CA ASN B 148 -7.80 4.51 -0.15
C ASN B 148 -9.25 4.47 0.27
N PHE B 149 -10.11 3.82 -0.52
N PHE B 149 -10.09 3.79 -0.52
CA PHE B 149 -11.53 3.85 -0.21
CA PHE B 149 -11.52 3.82 -0.25
C PHE B 149 -11.82 3.16 1.12
C PHE B 149 -11.87 3.10 1.04
N HIS B 150 -11.04 2.16 1.52
CA HIS B 150 -11.37 1.53 2.79
C HIS B 150 -11.21 2.52 3.95
N GLN B 151 -10.47 3.60 3.73
CA GLN B 151 -10.28 4.65 4.72
C GLN B 151 -11.29 5.78 4.59
N ALA B 152 -12.14 5.75 3.56
CA ALA B 152 -13.04 6.86 3.34
C ALA B 152 -13.93 7.17 4.53
N PRO B 153 -14.52 6.21 5.26
CA PRO B 153 -15.37 6.60 6.40
C PRO B 153 -14.59 7.36 7.45
N ARG B 154 -13.38 6.90 7.73
CA ARG B 154 -12.53 7.57 8.69
C ARG B 154 -12.11 8.95 8.17
N LEU B 155 -11.78 9.06 6.89
CA LEU B 155 -11.41 10.37 6.35
C LEU B 155 -12.56 11.36 6.51
N LEU B 156 -13.77 10.94 6.11
CA LEU B 156 -14.92 11.84 6.16
C LEU B 156 -15.35 12.15 7.58
N ALA B 157 -15.38 11.14 8.46
CA ALA B 157 -15.95 11.36 9.79
C ALA B 157 -14.96 12.02 10.72
N GLU B 158 -13.69 11.68 10.60
CA GLU B 158 -12.66 12.02 11.57
C GLU B 158 -11.64 13.03 11.07
N GLU B 159 -11.16 12.92 9.82
CA GLU B 159 -10.15 13.84 9.33
C GLU B 159 -10.79 15.10 8.78
N ILE B 160 -11.81 14.94 7.93
CA ILE B 160 -12.48 16.05 7.28
C ILE B 160 -13.59 16.62 8.15
N GLY B 161 -14.51 15.77 8.60
CA GLY B 161 -15.69 16.21 9.33
C GLY B 161 -16.83 16.53 8.39
N ILE B 162 -17.95 15.83 8.53
CA ILE B 162 -19.13 16.05 7.70
C ILE B 162 -20.27 16.48 8.62
N ASP B 163 -20.83 17.65 8.36
CA ASP B 163 -21.89 18.21 9.17
C ASP B 163 -23.28 17.75 8.71
N THR B 164 -23.47 17.63 7.40
CA THR B 164 -24.75 17.24 6.81
C THR B 164 -24.53 16.11 5.82
N PHE B 165 -25.41 15.12 5.85
CA PHE B 165 -25.38 13.99 4.92
C PHE B 165 -26.74 13.83 4.26
N MET B 166 -26.74 13.59 2.95
CA MET B 166 -27.99 13.39 2.20
C MET B 166 -27.92 12.14 1.30
N HIS B 167 -29.02 11.38 1.21
CA HIS B 167 -28.99 10.10 0.50
C HIS B 167 -30.43 9.67 0.13
N THR B 168 -30.57 9.10 -1.06
CA THR B 168 -31.85 8.51 -1.44
C THR B 168 -32.01 7.18 -0.76
N VAL B 169 -33.24 6.87 -0.32
CA VAL B 169 -33.52 5.68 0.47
C VAL B 169 -34.80 5.01 -0.04
N SER B 170 -34.90 3.71 0.20
CA SER B 170 -36.13 2.99 -0.06
C SER B 170 -37.19 3.39 0.99
N PRO B 171 -38.47 3.16 0.69
CA PRO B 171 -39.53 3.67 1.59
C PRO B 171 -39.45 3.04 2.97
N MET B 172 -39.95 3.78 3.96
CA MET B 172 -39.99 3.27 5.33
C MET B 172 -40.96 2.10 5.42
N ASP B 173 -40.51 0.99 6.00
CA ASP B 173 -41.36 -0.17 6.19
C ASP B 173 -42.16 -0.03 7.49
N CYS B 174 -42.94 -1.06 7.85
CA CYS B 174 -43.80 -0.96 9.01
C CYS B 174 -43.04 -1.08 10.32
N HIS B 175 -41.75 -1.38 10.26
CA HIS B 175 -40.93 -1.40 11.45
C HIS B 175 -40.20 -0.08 11.66
N GLY B 176 -40.39 0.89 10.78
CA GLY B 176 -39.74 2.18 10.90
C GLY B 176 -38.40 2.30 10.22
N TYR B 177 -38.06 1.39 9.32
CA TYR B 177 -36.76 1.40 8.67
C TYR B 177 -36.85 1.71 7.19
N PHE B 178 -35.96 2.58 6.73
CA PHE B 178 -35.60 2.73 5.33
C PHE B 178 -34.40 1.84 5.02
N SER B 179 -33.97 1.78 3.76
CA SER B 179 -32.65 1.23 3.46
C SER B 179 -31.89 2.12 2.49
N LEU B 180 -30.56 2.05 2.61
CA LEU B 180 -29.69 2.78 1.69
C LEU B 180 -29.63 2.18 0.29
N GLY B 181 -30.25 1.04 0.05
CA GLY B 181 -30.42 0.56 -1.31
C GLY B 181 -29.11 0.21 -1.99
N VAL B 182 -28.82 0.86 -3.13
CA VAL B 182 -27.59 0.59 -3.85
C VAL B 182 -26.35 1.14 -3.17
N GLY B 183 -26.52 1.94 -2.12
CA GLY B 183 -25.40 2.49 -1.40
C GLY B 183 -25.16 1.80 -0.05
N ASN B 184 -23.88 1.76 0.34
CA ASN B 184 -23.49 1.45 1.71
C ASN B 184 -22.19 2.19 1.97
N ASP B 185 -21.14 1.74 1.29
CA ASP B 185 -19.88 2.44 1.11
C ASP B 185 -19.45 3.21 2.36
N TYR B 186 -19.31 4.55 2.32
CA TYR B 186 -19.11 5.34 3.52
C TYR B 186 -20.41 5.91 4.05
N SER B 187 -21.45 5.88 3.23
CA SER B 187 -22.74 6.46 3.55
C SER B 187 -23.32 5.89 4.85
N SER B 188 -23.19 4.58 5.07
CA SER B 188 -23.80 3.99 6.26
C SER B 188 -23.13 4.48 7.54
N ARG B 189 -21.88 4.92 7.44
CA ARG B 189 -21.16 5.55 8.54
C ARG B 189 -21.49 7.04 8.65
N ILE B 190 -21.36 7.77 7.55
CA ILE B 190 -21.49 9.23 7.63
C ILE B 190 -22.94 9.66 7.89
N ALA B 191 -23.90 8.85 7.47
CA ALA B 191 -25.29 9.09 7.83
C ALA B 191 -25.47 9.18 9.34
N ARG B 192 -24.64 8.49 10.12
CA ARG B 192 -24.73 8.51 11.58
C ARG B 192 -23.80 9.53 12.20
N SER B 193 -22.63 9.74 11.62
CA SER B 193 -21.69 10.66 12.21
C SER B 193 -22.06 12.11 11.92
N ALA B 194 -22.71 12.39 10.79
CA ALA B 194 -23.14 13.75 10.49
C ALA B 194 -24.14 14.23 11.53
N ARG B 195 -24.12 15.53 11.79
CA ARG B 195 -25.08 16.10 12.73
C ARG B 195 -26.50 16.08 12.17
N ARG B 196 -26.66 16.21 10.86
CA ARG B 196 -27.98 16.11 10.23
C ARG B 196 -27.93 15.14 9.07
N PHE B 197 -28.95 14.31 8.99
CA PHE B 197 -29.13 13.30 7.96
C PHE B 197 -30.50 13.52 7.32
N ILE B 198 -30.51 13.83 6.03
CA ILE B 198 -31.70 14.16 5.28
C ILE B 198 -31.88 13.09 4.23
N VAL B 199 -33.06 12.47 4.19
CA VAL B 199 -33.27 11.34 3.28
C VAL B 199 -34.31 11.73 2.25
N GLU B 200 -34.16 11.15 1.06
CA GLU B 200 -35.10 11.32 -0.04
C GLU B 200 -35.67 9.94 -0.35
N VAL B 201 -36.94 9.75 0.01
CA VAL B 201 -37.65 8.49 -0.20
C VAL B 201 -37.95 8.33 -1.69
N ASN B 202 -37.64 7.15 -2.23
CA ASN B 202 -37.90 6.82 -3.63
C ASN B 202 -38.25 5.33 -3.72
N ARG B 203 -39.50 5.01 -4.08
CA ARG B 203 -39.93 3.62 -4.20
C ARG B 203 -39.19 2.87 -5.28
N TYR B 204 -38.54 3.56 -6.18
CA TYR B 204 -37.66 2.94 -7.12
C TYR B 204 -36.34 2.43 -6.50
N MET B 205 -35.99 2.90 -5.32
CA MET B 205 -34.75 2.45 -4.70
C MET B 205 -35.00 1.05 -4.12
N PRO B 206 -34.25 0.04 -4.54
CA PRO B 206 -34.49 -1.29 -3.97
C PRO B 206 -34.20 -1.30 -2.47
N ARG B 207 -34.89 -2.18 -1.76
CA ARG B 207 -34.66 -2.42 -0.34
C ARG B 207 -33.62 -3.52 -0.24
N VAL B 208 -32.44 -3.16 0.26
CA VAL B 208 -31.26 -4.02 0.20
C VAL B 208 -30.83 -4.38 1.63
N GLN B 209 -30.54 -5.66 1.84
CA GLN B 209 -30.07 -6.09 3.14
C GLN B 209 -28.57 -5.87 3.22
N GLY B 210 -28.08 -5.53 4.40
CA GLY B 210 -26.66 -5.32 4.58
C GLY B 210 -26.37 -4.84 5.98
N GLU B 211 -25.08 -4.81 6.29
CA GLU B 211 -24.61 -4.27 7.56
C GLU B 211 -24.82 -2.75 7.58
N ALA B 212 -25.62 -2.27 8.53
CA ALA B 212 -25.92 -0.85 8.73
C ALA B 212 -26.62 -0.22 7.52
N ALA B 213 -27.14 -1.04 6.61
CA ALA B 213 -27.89 -0.55 5.46
C ALA B 213 -29.31 -0.13 5.82
N ALA B 214 -29.85 -0.65 6.89
CA ALA B 214 -31.17 -0.26 7.34
C ALA B 214 -31.01 0.99 8.20
N ILE B 215 -31.85 1.99 7.95
CA ILE B 215 -31.84 3.27 8.66
C ILE B 215 -33.15 3.39 9.41
N HIS B 216 -33.09 3.54 10.73
CA HIS B 216 -34.31 3.73 11.49
C HIS B 216 -34.75 5.20 11.46
N ILE B 217 -36.07 5.41 11.49
CA ILE B 217 -36.67 6.74 11.47
C ILE B 217 -36.08 7.65 12.54
N SER B 218 -35.71 7.09 13.69
CA SER B 218 -35.12 7.90 14.75
C SER B 218 -33.76 8.45 14.37
N GLU B 219 -33.16 7.93 13.30
CA GLU B 219 -31.82 8.35 12.87
C GLU B 219 -31.85 9.43 11.81
N VAL B 220 -33.02 9.78 11.32
CA VAL B 220 -33.22 10.69 10.20
C VAL B 220 -33.69 12.02 10.76
N ASP B 221 -33.23 13.13 10.18
CA ASP B 221 -33.65 14.45 10.66
C ASP B 221 -34.75 15.05 9.81
N ALA B 222 -34.83 14.68 8.55
CA ALA B 222 -35.85 15.24 7.66
C ALA B 222 -36.04 14.27 6.52
N ILE B 223 -37.26 14.23 6.01
CA ILE B 223 -37.67 13.36 4.92
C ILE B 223 -38.32 14.19 3.83
N VAL B 224 -37.97 13.89 2.58
CA VAL B 224 -38.74 14.30 1.41
C VAL B 224 -38.98 13.06 0.56
N GLU B 225 -40.00 13.12 -0.30
CA GLU B 225 -40.38 12.00 -1.14
C GLU B 225 -40.31 12.41 -2.61
N ASN B 226 -39.69 11.55 -3.43
CA ASN B 226 -39.58 11.82 -4.86
C ASN B 226 -39.37 10.49 -5.59
N HIS B 227 -40.44 10.02 -6.22
CA HIS B 227 -40.44 8.69 -6.85
C HIS B 227 -40.07 8.84 -8.30
N VAL B 228 -38.83 8.50 -8.61
CA VAL B 228 -38.36 8.54 -10.00
C VAL B 228 -37.40 7.38 -10.23
N PRO B 229 -37.34 6.89 -11.46
CA PRO B 229 -36.45 5.77 -11.74
C PRO B 229 -35.01 6.17 -11.46
N LEU B 230 -34.21 5.18 -11.09
CA LEU B 230 -32.80 5.39 -10.80
C LEU B 230 -32.01 5.61 -12.09
N ILE B 231 -30.92 6.34 -11.96
CA ILE B 231 -30.09 6.58 -13.13
C ILE B 231 -29.32 5.31 -13.43
N GLU B 232 -29.15 5.02 -14.71
CA GLU B 232 -28.52 3.78 -15.16
C GLU B 232 -27.08 4.07 -15.59
N MET B 233 -26.18 3.14 -15.29
CA MET B 233 -24.81 3.21 -15.81
C MET B 233 -24.84 2.86 -17.29
N PRO B 234 -24.18 3.62 -18.16
CA PRO B 234 -24.17 3.26 -19.59
C PRO B 234 -23.45 1.96 -19.84
N VAL B 235 -23.97 1.20 -20.81
CA VAL B 235 -23.34 -0.05 -21.23
C VAL B 235 -22.15 0.28 -22.13
N ARG B 236 -20.98 -0.25 -21.80
CA ARG B 236 -19.79 -0.01 -22.60
C ARG B 236 -19.69 -1.09 -23.65
N SER B 237 -19.20 -0.71 -24.83
CA SER B 237 -18.99 -1.66 -25.91
C SER B 237 -17.60 -2.26 -25.76
N ALA B 238 -17.47 -3.52 -26.18
CA ALA B 238 -16.18 -4.19 -26.14
C ALA B 238 -15.27 -3.65 -27.25
N ILE B 239 -13.99 -3.86 -27.04
CA ILE B 239 -12.98 -3.61 -28.07
C ILE B 239 -12.30 -4.93 -28.33
N PRO B 240 -11.63 -5.09 -29.48
CA PRO B 240 -11.09 -6.42 -29.82
C PRO B 240 -10.11 -6.95 -28.79
N GLU B 241 -9.29 -6.07 -28.20
CA GLU B 241 -8.31 -6.53 -27.22
C GLU B 241 -8.96 -7.22 -26.04
N TYR B 242 -10.23 -6.93 -25.76
CA TYR B 242 -10.86 -7.51 -24.57
C TYR B 242 -11.08 -9.00 -24.71
N THR B 243 -11.22 -9.51 -25.94
CA THR B 243 -11.38 -10.95 -26.09
C THR B 243 -10.11 -11.67 -25.66
N SER B 244 -8.95 -11.22 -26.14
CA SER B 244 -7.71 -11.84 -25.71
C SER B 244 -7.47 -11.65 -24.21
N ILE B 245 -7.70 -10.43 -23.72
CA ILE B 245 -7.48 -10.15 -22.30
C ILE B 245 -8.38 -11.04 -21.44
N SER B 246 -9.65 -11.14 -21.81
CA SER B 246 -10.58 -11.91 -21.00
C SER B 246 -10.18 -13.39 -20.92
N HIS B 247 -9.68 -13.97 -22.01
CA HIS B 247 -9.32 -15.39 -21.92
C HIS B 247 -8.01 -15.60 -21.18
N ILE B 248 -7.09 -14.64 -21.27
CA ILE B 248 -5.88 -14.71 -20.44
C ILE B 248 -6.29 -14.65 -18.96
N ILE B 249 -7.18 -13.74 -18.64
CA ILE B 249 -7.62 -13.62 -17.25
C ILE B 249 -8.35 -14.90 -16.82
N ALA B 250 -9.23 -15.43 -17.67
CA ALA B 250 -10.00 -16.64 -17.36
C ALA B 250 -9.09 -17.78 -16.92
N ASP B 251 -7.97 -17.94 -17.62
CA ASP B 251 -7.03 -18.99 -17.28
C ASP B 251 -6.41 -18.76 -15.92
N LEU B 252 -6.47 -17.55 -15.38
CA LEU B 252 -5.96 -17.27 -14.06
C LEU B 252 -6.98 -17.44 -12.94
N VAL B 253 -8.24 -17.69 -13.27
CA VAL B 253 -9.33 -17.75 -12.29
C VAL B 253 -9.63 -19.23 -12.00
N PRO B 254 -9.34 -19.73 -10.81
CA PRO B 254 -9.69 -21.12 -10.46
C PRO B 254 -11.16 -21.28 -10.08
N ASP B 255 -11.59 -22.54 -10.00
CA ASP B 255 -12.87 -22.82 -9.36
C ASP B 255 -12.81 -22.39 -7.89
N GLY B 256 -13.92 -21.91 -7.38
CA GLY B 256 -13.99 -21.42 -6.03
C GLY B 256 -13.39 -20.05 -5.82
N ALA B 257 -13.00 -19.37 -6.89
CA ALA B 257 -12.47 -18.02 -6.81
C ALA B 257 -13.48 -17.09 -6.15
N CYS B 258 -12.98 -16.14 -5.39
CA CYS B 258 -13.80 -15.14 -4.72
C CYS B 258 -13.57 -13.79 -5.41
N LEU B 259 -14.53 -13.33 -6.21
CA LEU B 259 -14.27 -12.27 -7.19
C LEU B 259 -14.45 -10.87 -6.63
N GLN B 260 -13.56 -9.97 -7.06
CA GLN B 260 -13.76 -8.54 -7.05
C GLN B 260 -13.49 -8.03 -8.46
N MET B 261 -14.39 -7.21 -8.97
CA MET B 261 -14.27 -6.67 -10.32
C MET B 261 -14.35 -5.16 -10.18
N GLY B 262 -13.29 -4.48 -10.62
CA GLY B 262 -13.17 -3.04 -10.45
C GLY B 262 -14.00 -2.29 -11.47
N VAL B 263 -14.07 -0.95 -11.28
CA VAL B 263 -14.75 -0.09 -12.26
C VAL B 263 -13.97 -0.05 -13.56
N GLY B 264 -14.68 0.27 -14.63
CA GLY B 264 -14.12 0.33 -15.96
C GLY B 264 -14.86 -0.57 -16.91
N ALA B 265 -14.54 -0.40 -18.20
CA ALA B 265 -15.15 -1.25 -19.21
C ALA B 265 -14.72 -2.70 -19.06
N LEU B 266 -13.46 -2.92 -18.71
CA LEU B 266 -12.88 -4.25 -18.86
C LEU B 266 -13.35 -5.24 -17.78
N PRO B 267 -13.23 -4.94 -16.48
CA PRO B 267 -13.57 -5.99 -15.49
C PRO B 267 -14.99 -6.49 -15.66
N ASN B 268 -15.96 -5.58 -15.74
CA ASN B 268 -17.37 -5.95 -15.95
C ASN B 268 -17.52 -6.88 -17.16
N LEU B 269 -16.71 -6.72 -18.20
CA LEU B 269 -16.85 -7.57 -19.39
C LEU B 269 -16.20 -8.93 -19.18
N VAL B 270 -15.11 -8.99 -18.41
CA VAL B 270 -14.42 -10.26 -18.15
C VAL B 270 -15.36 -11.30 -17.56
N CYS B 271 -16.40 -10.88 -16.88
CA CYS B 271 -17.31 -11.81 -16.27
C CYS B 271 -17.90 -12.76 -17.24
N GLY B 272 -18.08 -12.32 -18.44
CA GLY B 272 -18.66 -13.18 -19.45
C GLY B 272 -17.88 -14.47 -19.67
N VAL B 273 -16.56 -14.43 -19.49
CA VAL B 273 -15.75 -15.62 -19.76
C VAL B 273 -15.78 -16.63 -18.61
N LEU B 274 -16.41 -16.29 -17.47
CA LEU B 274 -16.48 -17.17 -16.31
C LEU B 274 -17.80 -17.93 -16.16
N LYS B 275 -18.68 -17.88 -17.16
CA LYS B 275 -20.00 -18.48 -17.02
C LYS B 275 -19.98 -20.00 -16.92
N ASP B 276 -18.86 -20.65 -17.24
CA ASP B 276 -18.73 -22.09 -17.09
C ASP B 276 -18.07 -22.53 -15.78
N ARG B 277 -17.78 -21.60 -14.88
CA ARG B 277 -17.16 -21.93 -13.60
C ARG B 277 -18.22 -22.33 -12.59
N ASN B 278 -17.78 -22.82 -11.44
CA ASN B 278 -18.74 -23.20 -10.43
C ASN B 278 -18.23 -22.80 -9.05
N ASP B 279 -19.16 -22.60 -8.17
CA ASP B 279 -18.91 -22.35 -6.78
C ASP B 279 -18.07 -21.09 -6.54
N LEU B 280 -18.17 -20.12 -7.40
CA LEU B 280 -17.49 -18.84 -7.19
C LEU B 280 -18.15 -18.05 -6.05
N GLY B 281 -17.37 -17.12 -5.49
CA GLY B 281 -17.86 -16.19 -4.49
C GLY B 281 -17.75 -14.76 -4.98
N ILE B 282 -18.44 -13.84 -4.33
CA ILE B 282 -18.31 -12.42 -4.61
C ILE B 282 -17.96 -11.71 -3.31
N HIS B 283 -16.88 -10.93 -3.33
CA HIS B 283 -16.55 -9.95 -2.31
C HIS B 283 -15.86 -8.81 -3.07
N THR B 284 -16.66 -7.82 -3.44
CA THR B 284 -16.29 -6.78 -4.40
C THR B 284 -16.65 -5.39 -3.86
N GLU B 285 -15.96 -4.36 -4.34
CA GLU B 285 -16.34 -3.00 -3.92
C GLU B 285 -17.63 -2.61 -4.64
N VAL B 286 -17.60 -2.58 -5.97
CA VAL B 286 -18.77 -2.26 -6.78
C VAL B 286 -19.37 -3.55 -7.31
N LEU B 287 -20.69 -3.68 -7.15
CA LEU B 287 -21.46 -4.74 -7.78
C LEU B 287 -21.99 -4.24 -9.13
N ASN B 288 -21.65 -4.95 -10.20
CA ASN B 288 -21.99 -4.51 -11.55
C ASN B 288 -22.82 -5.58 -12.24
N PRO B 289 -23.41 -5.27 -13.42
CA PRO B 289 -24.25 -6.27 -14.10
C PRO B 289 -23.55 -7.60 -14.41
N GLY B 290 -22.24 -7.60 -14.71
CA GLY B 290 -21.57 -8.87 -15.02
C GLY B 290 -21.57 -9.83 -13.84
N LEU B 291 -21.30 -9.31 -12.64
CA LEU B 291 -21.33 -10.12 -11.43
C LEU B 291 -22.75 -10.57 -11.08
N VAL B 292 -23.73 -9.67 -11.26
CA VAL B 292 -25.10 -10.08 -10.98
C VAL B 292 -25.51 -11.22 -11.92
N ASP B 293 -25.07 -11.15 -13.18
CA ASP B 293 -25.32 -12.24 -14.12
C ASP B 293 -24.79 -13.58 -13.60
N LEU B 294 -23.56 -13.60 -13.07
CA LEU B 294 -23.00 -14.83 -12.52
C LEU B 294 -23.83 -15.32 -11.34
N ILE B 295 -24.43 -14.39 -10.57
CA ILE B 295 -25.33 -14.79 -9.51
C ILE B 295 -26.58 -15.42 -10.10
N ARG B 296 -27.19 -14.75 -11.06
CA ARG B 296 -28.44 -15.28 -11.61
C ARG B 296 -28.25 -16.67 -12.20
N ARG B 297 -27.09 -16.94 -12.81
CA ARG B 297 -26.76 -18.24 -13.41
C ARG B 297 -26.49 -19.35 -12.42
N GLY B 298 -26.24 -19.05 -11.15
CA GLY B 298 -25.82 -20.09 -10.25
C GLY B 298 -24.34 -20.39 -10.30
N VAL B 299 -23.55 -19.60 -11.05
CA VAL B 299 -22.10 -19.73 -11.00
C VAL B 299 -21.58 -19.30 -9.63
N VAL B 300 -22.12 -18.20 -9.10
CA VAL B 300 -21.70 -17.71 -7.78
C VAL B 300 -22.62 -18.36 -6.77
N THR B 301 -22.02 -19.15 -5.87
CA THR B 301 -22.70 -19.74 -4.73
C THR B 301 -22.22 -19.20 -3.41
N ASN B 302 -21.00 -18.64 -3.34
CA ASN B 302 -20.41 -18.12 -2.10
C ASN B 302 -20.19 -19.22 -1.06
N GLN B 303 -20.24 -20.48 -1.47
CA GLN B 303 -20.09 -21.59 -0.53
C GLN B 303 -18.64 -21.85 -0.14
N ARG B 304 -17.65 -21.32 -0.85
CA ARG B 304 -16.24 -21.54 -0.51
C ARG B 304 -15.63 -20.38 0.26
N LYS B 305 -16.43 -19.35 0.54
CA LYS B 305 -15.93 -18.21 1.29
C LYS B 305 -15.81 -18.57 2.76
N THR B 306 -14.87 -17.91 3.43
CA THR B 306 -14.72 -18.01 4.88
C THR B 306 -15.63 -16.99 5.56
N LEU B 307 -15.67 -15.77 5.03
CA LEU B 307 -16.55 -14.73 5.56
C LEU B 307 -17.78 -14.60 4.69
N ASP B 308 -18.90 -14.28 5.35
CA ASP B 308 -20.17 -14.02 4.66
C ASP B 308 -20.57 -15.19 3.79
N ARG B 309 -20.36 -16.41 4.29
CA ARG B 309 -20.62 -17.60 3.49
C ARG B 309 -22.09 -17.63 3.04
N GLY B 310 -22.30 -17.90 1.75
CA GLY B 310 -23.64 -17.96 1.16
C GLY B 310 -24.17 -16.63 0.63
N ARG B 311 -23.48 -15.52 0.83
N ARG B 311 -23.44 -15.54 0.80
CA ARG B 311 -23.98 -14.24 0.35
CA ARG B 311 -23.90 -14.20 0.44
C ARG B 311 -22.89 -13.47 -0.37
C ARG B 311 -22.85 -13.48 -0.40
N SER B 312 -23.31 -12.81 -1.45
CA SER B 312 -22.45 -11.94 -2.23
C SER B 312 -22.33 -10.57 -1.57
N VAL B 313 -21.10 -10.17 -1.26
CA VAL B 313 -20.82 -8.94 -0.51
C VAL B 313 -20.35 -7.85 -1.45
N PHE B 314 -20.88 -6.65 -1.25
CA PHE B 314 -20.50 -5.50 -2.06
C PHE B 314 -20.67 -4.26 -1.17
N THR B 315 -20.07 -3.14 -1.59
CA THR B 315 -20.29 -1.89 -0.87
C THR B 315 -21.09 -0.85 -1.63
N PHE B 316 -21.17 -0.91 -2.95
CA PHE B 316 -22.17 -0.13 -3.65
C PHE B 316 -22.39 -0.74 -5.02
N ALA B 317 -23.54 -0.43 -5.59
CA ALA B 317 -24.03 -1.07 -6.79
C ALA B 317 -24.29 -0.03 -7.87
N MET B 318 -23.92 -0.35 -9.10
CA MET B 318 -24.21 0.48 -10.28
C MET B 318 -24.60 -0.44 -11.42
N GLY B 319 -25.65 -0.10 -12.16
CA GLY B 319 -26.05 -0.94 -13.26
C GLY B 319 -27.22 -0.35 -14.00
N GLN B 320 -28.08 -1.18 -14.56
CA GLN B 320 -29.31 -0.73 -15.19
C GLN B 320 -30.52 -1.19 -14.38
N GLN B 321 -31.71 -0.78 -14.84
CA GLN B 321 -32.97 -1.03 -14.11
C GLN B 321 -33.15 -2.49 -13.72
N GLU B 322 -32.86 -3.43 -14.65
CA GLU B 322 -33.02 -4.86 -14.32
C GLU B 322 -32.15 -5.26 -13.12
N MET B 323 -30.92 -4.73 -13.05
CA MET B 323 -30.07 -5.04 -11.91
C MET B 323 -30.63 -4.44 -10.63
N TYR B 324 -31.10 -3.19 -10.68
CA TYR B 324 -31.62 -2.56 -9.48
C TYR B 324 -32.82 -3.34 -8.95
N GLU B 325 -33.72 -3.73 -9.84
CA GLU B 325 -34.86 -4.55 -9.41
C GLU B 325 -34.40 -5.88 -8.82
N TYR B 326 -33.35 -6.46 -9.38
CA TYR B 326 -32.95 -7.79 -8.90
C TYR B 326 -32.45 -7.75 -7.46
N LEU B 327 -31.90 -6.61 -7.02
CA LEU B 327 -31.35 -6.47 -5.68
C LEU B 327 -32.43 -6.37 -4.59
N ASN B 328 -33.65 -6.03 -4.96
CA ASN B 328 -34.69 -5.77 -3.96
C ASN B 328 -34.97 -7.03 -3.15
N ASP B 329 -34.77 -6.95 -1.83
CA ASP B 329 -35.09 -8.06 -0.93
C ASP B 329 -34.40 -9.36 -1.37
N HIS B 330 -33.24 -9.26 -1.99
CA HIS B 330 -32.50 -10.46 -2.35
C HIS B 330 -31.81 -11.01 -1.12
N PRO B 331 -32.08 -12.25 -0.69
CA PRO B 331 -31.46 -12.75 0.54
C PRO B 331 -30.05 -13.31 0.41
N ALA B 332 -29.49 -13.45 -0.79
CA ALA B 332 -28.10 -13.87 -0.92
C ALA B 332 -27.19 -12.74 -1.40
N ILE B 333 -27.65 -11.48 -1.31
CA ILE B 333 -26.83 -10.32 -1.62
C ILE B 333 -26.85 -9.39 -0.42
N PHE B 334 -25.67 -8.99 0.05
CA PHE B 334 -25.55 -8.33 1.34
C PHE B 334 -24.53 -7.20 1.23
N SER B 335 -24.97 -5.95 1.36
CA SER B 335 -24.03 -4.84 1.32
C SER B 335 -23.32 -4.71 2.66
N ARG B 336 -22.08 -4.25 2.63
CA ARG B 336 -21.41 -3.91 3.87
C ARG B 336 -20.60 -2.64 3.68
N PRO B 337 -20.24 -1.95 4.76
CA PRO B 337 -19.50 -0.70 4.63
C PRO B 337 -18.11 -0.94 4.05
N VAL B 338 -17.56 0.12 3.44
CA VAL B 338 -16.31 0.00 2.70
C VAL B 338 -15.13 -0.20 3.63
N ASP B 339 -15.23 0.25 4.88
CA ASP B 339 -14.16 -0.03 5.83
C ASP B 339 -14.09 -1.51 6.19
N TYR B 340 -15.13 -2.29 5.87
CA TYR B 340 -15.06 -3.75 5.95
C TYR B 340 -14.71 -4.32 4.58
N VAL B 341 -15.50 -3.98 3.58
CA VAL B 341 -15.37 -4.62 2.28
C VAL B 341 -13.98 -4.41 1.71
N ASN B 342 -13.46 -3.19 1.79
CA ASN B 342 -12.18 -2.87 1.17
C ASN B 342 -10.98 -3.04 2.10
N ASP B 343 -11.18 -3.52 3.31
CA ASP B 343 -10.07 -3.70 4.22
C ASP B 343 -9.21 -4.88 3.76
N PRO B 344 -7.91 -4.68 3.45
CA PRO B 344 -7.12 -5.78 2.92
C PRO B 344 -7.10 -6.97 3.84
N HIS B 345 -7.13 -6.75 5.16
CA HIS B 345 -7.14 -7.86 6.11
C HIS B 345 -8.44 -8.63 6.01
N ILE B 346 -9.56 -7.97 5.72
CA ILE B 346 -10.82 -8.69 5.56
C ILE B 346 -10.80 -9.45 4.24
N ILE B 347 -10.41 -8.78 3.17
CA ILE B 347 -10.39 -9.39 1.84
C ILE B 347 -9.62 -10.71 1.88
N ALA B 348 -8.47 -10.69 2.56
CA ALA B 348 -7.54 -11.80 2.56
C ALA B 348 -8.07 -13.02 3.29
N GLN B 349 -9.15 -12.87 4.07
N GLN B 349 -9.14 -12.89 4.06
CA GLN B 349 -9.67 -14.01 4.83
CA GLN B 349 -9.63 -14.03 4.83
C GLN B 349 -10.37 -15.03 3.95
C GLN B 349 -10.45 -15.01 3.99
N ASN B 350 -10.86 -14.62 2.79
CA ASN B 350 -11.43 -15.59 1.85
C ASN B 350 -10.29 -16.14 1.00
N ASP B 351 -10.29 -17.45 0.80
CA ASP B 351 -9.28 -18.06 -0.05
C ASP B 351 -9.57 -17.80 -1.52
N ASN B 352 -8.52 -17.88 -2.34
CA ASN B 352 -8.63 -17.81 -3.80
C ASN B 352 -9.36 -16.54 -4.27
N VAL B 353 -9.07 -15.42 -3.60
CA VAL B 353 -9.56 -14.15 -4.11
C VAL B 353 -8.98 -13.91 -5.49
N VAL B 354 -9.80 -13.40 -6.40
CA VAL B 354 -9.33 -12.86 -7.65
C VAL B 354 -9.85 -11.45 -7.75
N SER B 355 -8.92 -10.50 -7.77
CA SER B 355 -9.20 -9.09 -8.00
C SER B 355 -8.81 -8.75 -9.43
N ILE B 356 -9.76 -8.21 -10.19
CA ILE B 356 -9.52 -7.79 -11.56
C ILE B 356 -9.77 -6.28 -11.64
N ASN B 357 -8.69 -5.52 -11.79
CA ASN B 357 -8.78 -4.08 -11.90
C ASN B 357 -8.18 -3.62 -13.22
N ALA B 358 -8.61 -2.45 -13.67
CA ALA B 358 -8.07 -1.87 -14.90
C ALA B 358 -7.15 -0.69 -14.60
N THR B 359 -6.34 -0.33 -15.58
CA THR B 359 -5.40 0.77 -15.41
C THR B 359 -5.26 1.50 -16.73
N LEU B 360 -4.62 2.66 -16.67
CA LEU B 360 -4.37 3.50 -17.84
C LEU B 360 -2.95 3.36 -18.35
N GLN B 361 -1.98 3.19 -17.46
CA GLN B 361 -0.59 3.09 -17.86
C GLN B 361 0.16 2.18 -16.90
N ILE B 362 1.11 1.42 -17.44
CA ILE B 362 2.00 0.57 -16.65
C ILE B 362 3.41 0.94 -17.07
N ASP B 363 4.29 1.18 -16.11
CA ASP B 363 5.66 1.46 -16.49
C ASP B 363 6.52 0.20 -16.39
N LEU B 364 7.79 0.33 -16.76
CA LEU B 364 8.68 -0.81 -16.93
C LEU B 364 9.11 -1.41 -15.61
N THR B 365 8.69 -0.83 -14.50
CA THR B 365 8.87 -1.43 -13.19
C THR B 365 7.62 -2.12 -12.68
N GLY B 366 6.50 -1.93 -13.35
CA GLY B 366 5.25 -2.49 -12.90
C GLY B 366 4.42 -1.54 -12.06
N ALA B 367 4.87 -0.31 -11.85
CA ALA B 367 4.01 0.68 -11.25
C ALA B 367 2.90 1.03 -12.22
N CYS B 368 1.70 1.31 -11.68
CA CYS B 368 0.50 1.60 -12.50
C CYS B 368 -0.09 2.96 -12.16
N ASN B 369 -0.51 3.66 -13.20
CA ASN B 369 -1.33 4.86 -13.09
C ASN B 369 -2.72 4.50 -13.60
N SER B 370 -3.69 4.48 -12.71
CA SER B 370 -5.05 4.08 -13.07
C SER B 370 -6.03 5.22 -12.99
N GLU B 371 -5.53 6.45 -12.99
CA GLU B 371 -6.34 7.56 -12.54
C GLU B 371 -6.03 8.93 -13.15
N HIS B 372 -5.02 9.06 -14.01
CA HIS B 372 -4.49 10.35 -14.43
C HIS B 372 -4.14 10.25 -15.90
N MET B 373 -4.53 11.25 -16.69
CA MET B 373 -4.31 11.18 -18.13
C MET B 373 -4.13 12.59 -18.70
N LEU B 374 -3.13 12.73 -19.56
CA LEU B 374 -2.86 13.96 -20.30
C LEU B 374 -2.88 15.19 -19.38
N GLY B 375 -2.12 15.10 -18.30
CA GLY B 375 -1.89 16.24 -17.43
C GLY B 375 -2.94 16.50 -16.37
N HIS B 376 -4.02 15.72 -16.31
CA HIS B 376 -5.11 16.01 -15.38
C HIS B 376 -5.57 14.73 -14.69
N GLN B 377 -6.16 14.91 -13.52
CA GLN B 377 -6.81 13.80 -12.84
C GLN B 377 -7.95 13.27 -13.69
N TYR B 378 -7.95 11.96 -13.91
CA TYR B 378 -8.97 11.33 -14.73
C TYR B 378 -10.01 10.57 -13.90
N SER B 379 -9.60 9.88 -12.84
CA SER B 379 -10.54 9.17 -11.96
C SER B 379 -10.05 9.20 -10.52
N ALA B 380 -9.54 8.09 -10.01
CA ALA B 380 -9.09 8.02 -8.62
C ALA B 380 -8.42 6.67 -8.38
N SER B 381 -7.64 6.60 -7.31
CA SER B 381 -7.13 5.29 -6.88
C SER B 381 -8.28 4.43 -6.38
N GLY B 382 -9.19 5.03 -5.62
CA GLY B 382 -10.35 4.33 -5.10
C GLY B 382 -9.96 3.13 -4.28
N GLY B 383 -10.55 2.00 -4.64
CA GLY B 383 -10.28 0.74 -3.99
C GLY B 383 -9.31 -0.14 -4.73
N GLN B 384 -8.59 0.40 -5.70
CA GLN B 384 -7.71 -0.45 -6.49
C GLN B 384 -6.63 -1.04 -5.61
N LEU B 385 -5.92 -0.19 -4.87
CA LEU B 385 -4.78 -0.66 -4.11
C LEU B 385 -5.20 -1.50 -2.92
N ASP B 386 -6.36 -1.18 -2.31
CA ASP B 386 -6.96 -2.05 -1.30
C ASP B 386 -7.05 -3.48 -1.81
N PHE B 387 -7.57 -3.64 -3.02
CA PHE B 387 -7.83 -5.00 -3.52
C PHE B 387 -6.59 -5.64 -4.11
N VAL B 388 -5.64 -4.85 -4.64
CA VAL B 388 -4.34 -5.41 -5.01
C VAL B 388 -3.69 -6.03 -3.79
N ARG B 389 -3.75 -5.32 -2.66
CA ARG B 389 -3.13 -5.81 -1.44
C ARG B 389 -3.88 -7.01 -0.89
N GLY B 390 -5.20 -6.90 -0.80
CA GLY B 390 -5.98 -7.95 -0.23
C GLY B 390 -5.90 -9.24 -1.03
N ALA B 391 -5.91 -9.15 -2.34
CA ALA B 391 -5.93 -10.39 -3.12
C ALA B 391 -4.60 -11.14 -2.98
N TYR B 392 -3.47 -10.43 -2.95
CA TYR B 392 -2.21 -11.12 -2.78
C TYR B 392 -2.10 -11.78 -1.42
N ALA B 393 -2.66 -11.17 -0.39
CA ALA B 393 -2.63 -11.73 0.94
C ALA B 393 -3.56 -12.94 1.08
N SER B 394 -4.59 -13.04 0.25
CA SER B 394 -5.47 -14.21 0.27
C SER B 394 -4.72 -15.49 -0.07
N LYS B 395 -5.04 -16.58 0.64
CA LYS B 395 -4.42 -17.87 0.34
C LYS B 395 -4.91 -18.37 -1.02
N GLY B 396 -3.97 -18.49 -1.96
CA GLY B 396 -4.31 -18.80 -3.35
C GLY B 396 -4.81 -17.59 -4.15
N GLY B 397 -4.76 -16.40 -3.58
CA GLY B 397 -5.34 -15.25 -4.25
C GLY B 397 -4.46 -14.67 -5.35
N ARG B 398 -5.08 -13.93 -6.26
CA ARG B 398 -4.38 -13.24 -7.34
C ARG B 398 -4.97 -11.87 -7.58
N SER B 399 -4.10 -10.86 -7.61
CA SER B 399 -4.43 -9.53 -8.09
C SER B 399 -4.00 -9.41 -9.55
N ILE B 400 -4.94 -8.97 -10.38
CA ILE B 400 -4.72 -8.73 -11.80
C ILE B 400 -5.03 -7.27 -12.08
N ILE B 401 -4.06 -6.59 -12.69
CA ILE B 401 -4.25 -5.27 -13.26
C ILE B 401 -4.13 -5.41 -14.77
N ALA B 402 -5.17 -5.03 -15.50
CA ALA B 402 -5.21 -5.28 -16.95
C ALA B 402 -5.50 -4.02 -17.74
N THR B 403 -4.94 -3.96 -18.96
CA THR B 403 -5.16 -2.82 -19.85
C THR B 403 -4.84 -3.24 -21.26
N PRO B 404 -5.54 -2.70 -22.26
CA PRO B 404 -5.03 -2.77 -23.65
C PRO B 404 -3.64 -2.18 -23.70
N SER B 405 -2.80 -2.75 -24.57
CA SER B 405 -1.43 -2.27 -24.65
C SER B 405 -1.34 -0.87 -25.25
N THR B 406 -2.36 -0.42 -25.98
CA THR B 406 -2.29 0.85 -26.70
C THR B 406 -3.56 1.65 -26.49
N ALA B 407 -3.49 2.92 -26.91
CA ALA B 407 -4.62 3.83 -26.98
C ALA B 407 -4.56 4.59 -28.30
N ALA B 408 -5.60 5.38 -28.56
CA ALA B 408 -5.68 6.27 -29.73
C ALA B 408 -5.38 5.51 -31.03
N LYS B 409 -6.22 4.51 -31.31
CA LYS B 409 -6.09 3.64 -32.48
C LYS B 409 -4.67 3.13 -32.67
N GLY B 410 -4.09 2.61 -31.58
CA GLY B 410 -2.80 1.98 -31.68
C GLY B 410 -1.64 2.94 -31.80
N THR B 411 -1.88 4.24 -31.72
CA THR B 411 -0.84 5.24 -31.91
C THR B 411 -0.10 5.61 -30.62
N VAL B 412 -0.68 5.30 -29.45
CA VAL B 412 -0.11 5.61 -28.15
C VAL B 412 0.06 4.32 -27.35
N SER B 413 1.22 4.16 -26.72
CA SER B 413 1.50 3.01 -25.88
C SER B 413 0.99 3.29 -24.47
N ARG B 414 0.30 2.32 -23.89
CA ARG B 414 -0.09 2.35 -22.50
C ARG B 414 0.99 1.75 -21.60
N ILE B 415 1.95 1.07 -22.22
CA ILE B 415 3.17 0.62 -21.54
C ILE B 415 4.23 1.68 -21.78
N ILE B 416 4.75 2.27 -20.70
CA ILE B 416 5.62 3.44 -20.83
C ILE B 416 6.85 3.26 -19.96
N PRO B 417 7.90 4.02 -20.21
CA PRO B 417 9.12 3.84 -19.41
C PRO B 417 8.92 4.11 -17.93
N ARG B 418 8.27 5.21 -17.55
CA ARG B 418 8.20 5.60 -16.15
C ARG B 418 6.94 6.42 -15.93
N ILE B 419 6.14 6.06 -14.92
CA ILE B 419 4.95 6.85 -14.62
C ILE B 419 5.41 8.26 -14.26
N ASP B 420 4.95 9.24 -15.03
CA ASP B 420 5.18 10.66 -14.76
C ASP B 420 3.82 11.27 -14.42
N GLY B 421 3.51 11.28 -13.17
CA GLY B 421 2.19 11.58 -12.71
C GLY B 421 2.00 10.76 -11.45
N PRO B 422 0.82 10.79 -10.90
CA PRO B 422 0.59 9.99 -9.70
C PRO B 422 0.63 8.49 -10.00
N VAL B 423 1.18 7.76 -9.03
CA VAL B 423 1.18 6.31 -9.03
C VAL B 423 -0.01 5.83 -8.21
N THR B 424 -0.86 4.99 -8.83
CA THR B 424 -1.93 4.31 -8.14
C THR B 424 -1.42 3.06 -7.40
N THR B 425 -0.81 2.14 -8.12
CA THR B 425 -0.30 0.91 -7.53
C THR B 425 1.22 0.94 -7.63
N PRO B 426 1.94 1.02 -6.52
CA PRO B 426 3.40 1.07 -6.60
C PRO B 426 3.96 -0.27 -7.02
N ARG B 427 5.21 -0.25 -7.51
CA ARG B 427 5.78 -1.44 -8.11
C ARG B 427 5.92 -2.56 -7.09
N ILE B 428 5.97 -2.23 -5.80
CA ILE B 428 6.14 -3.28 -4.81
C ILE B 428 4.83 -3.98 -4.48
N ASP B 429 3.69 -3.42 -4.88
CA ASP B 429 2.40 -4.06 -4.63
C ASP B 429 1.89 -4.85 -5.82
N THR B 430 2.28 -4.47 -7.04
CA THR B 430 1.73 -5.12 -8.23
C THR B 430 2.00 -6.62 -8.21
N HIS B 431 0.97 -7.38 -8.58
CA HIS B 431 1.05 -8.83 -8.63
C HIS B 431 1.09 -9.23 -10.10
N TYR B 432 -0.04 -9.58 -10.71
CA TYR B 432 -0.12 -9.86 -12.13
C TYR B 432 -0.50 -8.61 -12.91
N ILE B 433 0.10 -8.45 -14.08
CA ILE B 433 -0.37 -7.52 -15.10
C ILE B 433 -0.73 -8.30 -16.35
N VAL B 434 -1.77 -7.85 -17.05
CA VAL B 434 -2.28 -8.50 -18.26
C VAL B 434 -2.53 -7.44 -19.34
N THR B 435 -2.06 -7.69 -20.56
CA THR B 435 -2.51 -6.99 -21.76
C THR B 435 -2.98 -8.03 -22.75
N GLU B 436 -3.36 -7.59 -23.94
CA GLU B 436 -3.75 -8.55 -24.96
C GLU B 436 -2.56 -9.42 -25.38
N PHE B 437 -1.34 -9.10 -24.99
CA PHE B 437 -0.20 -9.90 -25.38
C PHE B 437 0.24 -10.91 -24.32
N GLY B 438 -0.46 -10.98 -23.18
CA GLY B 438 -0.17 -12.02 -22.20
C GLY B 438 -0.22 -11.49 -20.77
N ALA B 439 0.36 -12.26 -19.85
CA ALA B 439 0.31 -11.96 -18.43
C ALA B 439 1.67 -12.22 -17.81
N VAL B 440 1.99 -11.48 -16.74
CA VAL B 440 3.20 -11.74 -15.97
C VAL B 440 2.94 -11.50 -14.48
N ASN B 441 3.50 -12.37 -13.65
CA ASN B 441 3.48 -12.21 -12.20
C ASN B 441 4.79 -11.52 -11.84
N LEU B 442 4.71 -10.27 -11.37
CA LEU B 442 5.91 -9.49 -11.09
C LEU B 442 6.55 -9.81 -9.76
N LYS B 443 5.87 -10.54 -8.88
CA LYS B 443 6.33 -10.71 -7.51
C LYS B 443 7.60 -11.57 -7.48
N GLY B 444 8.65 -11.02 -6.88
CA GLY B 444 9.94 -11.67 -6.80
C GLY B 444 10.85 -11.44 -7.98
N LEU B 445 10.37 -10.75 -9.03
CA LEU B 445 11.21 -10.46 -10.18
C LEU B 445 12.10 -9.25 -9.91
N SER B 446 13.33 -9.33 -10.43
CA SER B 446 14.24 -8.20 -10.40
C SER B 446 13.74 -7.09 -11.30
N SER B 447 14.33 -5.90 -11.15
CA SER B 447 14.04 -4.81 -12.07
C SER B 447 14.32 -5.20 -13.53
N THR B 448 15.40 -5.96 -13.77
CA THR B 448 15.70 -6.38 -15.14
C THR B 448 14.65 -7.36 -15.66
N GLU B 449 14.35 -8.39 -14.87
CA GLU B 449 13.32 -9.35 -15.24
C GLU B 449 11.97 -8.68 -15.47
N ARG B 450 11.59 -7.75 -14.59
CA ARG B 450 10.33 -7.03 -14.78
C ARG B 450 10.30 -6.30 -16.11
N ALA B 451 11.36 -5.55 -16.41
CA ALA B 451 11.35 -4.70 -17.60
C ALA B 451 11.27 -5.56 -18.86
N LEU B 452 12.08 -6.63 -18.91
CA LEU B 452 12.06 -7.52 -20.07
C LEU B 452 10.69 -8.13 -20.27
N ARG B 453 10.06 -8.59 -19.18
CA ARG B 453 8.76 -9.23 -19.31
C ARG B 453 7.67 -8.20 -19.65
N ILE B 454 7.75 -7.01 -19.07
CA ILE B 454 6.76 -5.97 -19.34
C ILE B 454 6.84 -5.48 -20.79
N ILE B 455 8.05 -5.35 -21.32
CA ILE B 455 8.23 -4.94 -22.71
C ILE B 455 7.53 -5.94 -23.64
N GLU B 456 7.52 -7.21 -23.28
CA GLU B 456 6.87 -8.16 -24.19
C GLU B 456 5.35 -8.10 -24.10
N LEU B 457 4.78 -7.40 -23.13
CA LEU B 457 3.33 -7.15 -23.11
C LEU B 457 2.94 -5.86 -23.83
N ALA B 458 3.90 -5.03 -24.18
CA ALA B 458 3.62 -3.87 -25.01
C ALA B 458 3.39 -4.31 -26.45
N HIS B 459 2.73 -3.45 -27.21
CA HIS B 459 2.52 -3.72 -28.63
C HIS B 459 3.87 -3.77 -29.36
N PRO B 460 4.06 -4.71 -30.30
CA PRO B 460 5.36 -4.82 -31.00
C PRO B 460 5.90 -3.51 -31.53
N ASP B 461 5.04 -2.57 -31.94
CA ASP B 461 5.49 -1.30 -32.47
C ASP B 461 6.33 -0.50 -31.46
N PHE B 462 6.13 -0.71 -30.15
CA PHE B 462 6.79 0.11 -29.16
C PHE B 462 7.93 -0.59 -28.43
N ARG B 463 8.17 -1.88 -28.70
CA ARG B 463 9.11 -2.64 -27.89
C ARG B 463 10.54 -2.14 -28.05
N ASP B 464 10.92 -1.72 -29.27
CA ASP B 464 12.28 -1.25 -29.48
C ASP B 464 12.53 0.03 -28.70
N GLU B 465 11.60 0.98 -28.80
CA GLU B 465 11.67 2.21 -28.02
C GLU B 465 11.73 1.93 -26.52
N LEU B 466 10.86 1.04 -26.04
CA LEU B 466 10.81 0.72 -24.60
C LEU B 466 12.11 0.06 -24.14
N THR B 467 12.66 -0.85 -24.97
CA THR B 467 13.93 -1.48 -24.66
C THR B 467 15.04 -0.45 -24.53
N GLN B 468 15.11 0.51 -25.44
CA GLN B 468 16.13 1.55 -25.34
C GLN B 468 15.91 2.43 -24.11
N ALA B 469 14.68 2.76 -23.80
CA ALA B 469 14.44 3.51 -22.58
C ALA B 469 14.91 2.71 -21.37
N ALA B 470 14.61 1.41 -21.35
CA ALA B 470 15.00 0.58 -20.20
C ALA B 470 16.49 0.66 -19.96
N LYS B 471 17.28 0.60 -21.02
CA LYS B 471 18.73 0.72 -20.91
C LYS B 471 19.13 2.09 -20.37
N LYS B 472 18.50 3.15 -20.89
CA LYS B 472 18.84 4.49 -20.42
C LYS B 472 18.53 4.64 -18.94
N MET B 473 17.45 4.00 -18.48
CA MET B 473 17.09 4.02 -17.07
C MET B 473 17.92 3.04 -16.25
N HIS B 474 18.80 2.26 -16.85
CA HIS B 474 19.62 1.28 -16.14
C HIS B 474 18.81 0.13 -15.55
N LEU B 475 17.61 -0.11 -16.07
CA LEU B 475 16.83 -1.28 -15.68
C LEU B 475 17.39 -2.56 -16.29
N ILE B 476 17.95 -2.49 -17.51
CA ILE B 476 18.53 -3.68 -18.18
C ILE B 476 19.93 -3.43 -18.75
N1A COA C . 18.69 15.01 -3.98
C2A COA C . 20.06 15.03 -4.02
N3A COA C . 20.78 14.56 -2.97
C4A COA C . 20.15 14.08 -1.87
C5A COA C . 18.80 14.07 -1.82
C6A COA C . 18.06 14.54 -2.89
N6A COA C . 16.67 14.67 -3.11
N7A COA C . 18.40 13.55 -0.62
C8A COA C . 19.52 13.25 0.05
N9A COA C . 20.61 13.57 -0.71
C1B COA C . 21.96 13.44 -0.32
C2B COA C . 22.21 13.97 0.90
O2B COA C . 22.70 15.37 0.90
C3B COA C . 23.34 13.07 1.47
O3B COA C . 24.52 13.54 1.12
P3B COA C . 25.81 13.24 2.02
O7A COA C . 25.42 13.04 3.45
O8A COA C . 26.47 12.01 1.50
O9A COA C . 26.72 14.40 1.95
C4B COA C . 23.08 11.67 0.81
O4B COA C . 22.36 11.89 -0.25
C5B COA C . 22.31 10.76 1.77
O5B COA C . 21.13 11.43 2.27
P1A COA C . 20.64 11.09 3.74
O1A COA C . 21.69 11.30 4.77
O2A COA C . 19.40 11.89 3.99
O3A COA C . 20.28 9.54 3.65
P2A COA C . 20.26 8.40 4.78
O4A COA C . 21.57 7.68 4.80
O5A COA C . 19.86 9.02 6.11
O6A COA C . 19.04 7.41 4.37
CBP COA C . 17.04 6.96 3.04
CCP COA C . 17.83 8.02 3.88
CDP COA C . 17.88 6.58 1.79
CEP COA C . 15.74 7.61 2.61
CAP COA C . 16.83 5.74 4.00
OAP COA C . 16.02 6.12 5.09
C9P COA C . 16.17 4.63 3.28
O9P COA C . 16.85 3.88 2.66
N8P COA C . 14.78 4.51 3.36
C7P COA C . 14.04 3.47 2.71
C6P COA C . 13.79 2.26 3.63
C5P COA C . 12.96 2.57 4.86
O5P COA C . 12.44 3.68 5.10
N4P COA C . 12.77 1.50 5.78
C3P COA C . 11.94 1.68 6.96
C2P COA C . 12.00 0.35 7.68
S1P COA C . 13.60 0.28 8.44
H2A COA C . 20.52 15.37 -4.83
H61A COA C . 16.12 13.99 -2.91
H62A COA C . 16.34 15.44 -3.49
H8A COA C . 19.55 12.86 0.98
H1B COA C . 22.53 13.89 -0.99
H2B COA C . 21.44 13.90 1.45
HO2A COA C . 22.10 15.89 1.29
H3B COA C . 23.27 13.02 2.40
H4B COA C . 23.90 11.26 0.57
H51A COA C . 22.89 10.51 2.53
H52A COA C . 22.04 9.95 1.30
H121 COA C . 17.28 8.31 4.62
H122 COA C . 18.05 8.77 3.32
H131 COA C . 18.20 7.40 1.36
H132 COA C . 18.65 6.01 2.06
H133 COA C . 17.31 6.08 1.16
H141 COA C . 15.15 7.69 3.37
H142 COA C . 15.93 8.54 2.25
H143 COA C . 15.32 7.06 1.91
H10 COA C . 17.69 5.45 4.33
HO1 COA C . 16.52 6.11 5.84
HN8 COA C . 14.32 5.12 3.85
H71 COA C . 14.57 3.16 1.90
H72 COA C . 13.17 3.82 2.40
H61 COA C . 13.31 1.59 3.10
H62 COA C . 14.67 1.88 3.91
HN4 COA C . 13.13 0.66 5.59
H31 COA C . 10.99 1.90 6.68
H32 COA C . 12.30 2.39 7.51
H21 COA C . 11.32 0.31 8.35
H22 COA C . 11.88 -0.37 7.05
HS1 COA C . 13.60 -0.54 9.29
C ACT D . 14.78 -1.97 7.45
O ACT D . 14.13 -1.49 6.75
CH3 ACT D . 16.16 -2.22 6.91
H1 ACT D . 16.20 -3.21 6.48
H2 ACT D . 16.89 -2.14 7.72
H3 ACT D . 16.39 -1.48 6.14
N1A COA E . -3.17 7.93 -22.96
C2A COA E . -4.05 8.52 -23.77
N3A COA E . -5.31 8.09 -23.95
C4A COA E . -5.79 7.04 -23.29
C5A COA E . -4.91 6.37 -22.39
C6A COA E . -3.54 6.87 -22.24
N6A COA E . -2.72 6.23 -21.39
N7A COA E . -5.57 5.36 -21.88
C8A COA E . -6.79 5.39 -22.38
N9A COA E . -6.91 6.38 -23.22
C1B COA E . -8.13 6.67 -23.96
C2B COA E . -8.77 5.43 -24.47
O2B COA E . -8.64 5.42 -25.88
C3B COA E . -10.19 5.60 -24.04
O3B COA E . -10.74 6.25 -25.14
P3B COA E . -12.14 6.15 -25.87
O7A COA E . -13.21 6.36 -24.85
O8A COA E . -11.99 7.29 -26.80
O9A COA E . -12.25 4.82 -26.51
C4B COA E . -10.29 6.58 -22.86
O4B COA E . -9.10 7.28 -23.14
C5B COA E . -10.73 5.69 -21.73
O5B COA E . -9.93 4.51 -21.53
P1A COA E . -10.46 3.14 -21.04
O1A COA E . -11.64 2.74 -21.72
O2A COA E . -9.33 2.30 -21.13
O3A COA E . -10.84 3.50 -19.54
P2A COA E . -12.00 2.92 -18.66
O4A COA E . -13.18 3.76 -18.74
O5A COA E . -12.24 1.52 -18.91
O6A COA E . -11.45 3.03 -17.18
CBP COA E . -9.48 3.25 -15.73
CCP COA E . -10.19 2.54 -16.84
CDP COA E . -9.74 4.72 -15.60
CEP COA E . -8.28 2.62 -15.10
CAP COA E . -10.48 2.80 -14.57
OAP COA E . -10.58 1.39 -14.41
C9P COA E . -10.30 3.38 -13.16
O9P COA E . -10.83 4.40 -12.84
N8P COA E . -9.54 2.72 -12.34
C7P COA E . -9.22 3.17 -11.02
C6P COA E . -10.20 2.72 -9.94
C5P COA E . -10.12 1.23 -9.71
O5P COA E . -9.42 0.55 -10.37
N4P COA E . -10.90 0.80 -8.72
C3P COA E . -10.97 -0.57 -8.30
C2P COA E . -12.06 -0.73 -7.27
S1P COA E . -13.69 -0.62 -7.99
H2A COA E . -3.74 9.38 -24.35
H61A COA E . -1.77 6.56 -21.28
H62A COA E . -3.05 5.43 -20.88
H8A COA E . -7.56 4.69 -22.13
H1B COA E . -7.89 7.32 -24.80
H2B COA E . -8.35 4.53 -24.04
HO2A COA E . -8.28 4.58 -26.18
H3B COA E . -10.66 4.61 -23.90
H4B COA E . -9.60 6.70 -22.02
H51A COA E . -10.67 6.26 -20.82
H52A COA E . -11.77 5.41 -21.87
H121 COA E . -9.58 2.65 -17.72
H122 COA E . -10.26 1.47 -16.67
H131 COA E . -9.18 5.21 -16.34
H132 COA E . -9.42 5.08 -14.67
H133 COA E . -10.76 4.92 -15.75
H141 COA E . -8.10 2.99 -14.12
H142 COA E . -7.45 2.84 -15.68
H143 COA E . -8.41 1.58 -15.08
H10 COA E . -11.49 3.13 -14.87
HO1 COA E . -11.50 1.15 -14.33
HN8 COA E . -9.13 1.87 -12.65
H71 COA E . -8.23 2.82 -10.77
H72 COA E . -9.20 4.25 -11.04
H61 COA E . -9.96 3.24 -9.03
H62 COA E . -11.20 3.00 -10.22
HN4 COA E . -11.46 1.46 -8.23
H31 COA E . -10.03 -0.88 -7.86
H32 COA E . -11.18 -1.21 -9.14
H21 COA E . -11.94 0.04 -6.51
H22 COA E . -11.94 -1.69 -6.79
HS1 COA E . -14.04 0.49 -7.33
C ACT F . -14.97 1.43 -6.77
OXT ACT F . -13.89 1.77 -6.91
CH3 ACT F . -15.89 2.43 -7.47
#